data_9KMM
#
_entry.id   9KMM
#
_cell.length_a   1.00
_cell.length_b   1.00
_cell.length_c   1.00
_cell.angle_alpha   90.00
_cell.angle_beta   90.00
_cell.angle_gamma   90.00
#
_symmetry.space_group_name_H-M   'P 1'
#
loop_
_entity.id
_entity.type
_entity.pdbx_description
1 polymer 'heavy chain of 9D5 fab'
2 polymer 'Sodium- and chloride-dependent taurine transporter'
3 polymer 'light chain of 9D5 fab'
4 non-polymer 'CHLORIDE ION'
5 non-polymer '2H-IMIDAZOL-4-YLACETIC ACID'
6 non-polymer 'SODIUM ION'
#
loop_
_entity_poly.entity_id
_entity_poly.type
_entity_poly.pdbx_seq_one_letter_code
_entity_poly.pdbx_strand_id
1 'polypeptide(L)'
;EVQLVESGGGLVKPGGSLKLSCAASGFTFSSYAMSWVRQSPEKRLEWVAEISSGGRYIYYSDTVTGRFTISRDNARNILH
LEMSSLRSEDTAMYYCARGEVRQRGFDYWGQGTTLTVS
;
H
2 'polypeptide(L)'
;MATKEKLQCLKDFHKDILKPSPGKSPGTRPEDEADGKPPQREKWSSKIDFVLSVAGGFVGLGNVWRFPYLCYKNGGGAFL
IPYFIFLFGSGLPVFFLEVIIGQYTSEGGITCWEKICPLFSGIGYASIVIVSLLNVYYIVILAWATYYLFHSFQKDLPWA
HCNHSWNTPQCMEDTLRRNESHWVSLSTANFTSPVIEFWERNVLSLSSGIDNPGSLKWDLALCLLLVWLVCFFCIWKGVR
STGKVVYFTATFPFAMLLVLLVRGLTLPGAGEGIKFYLYPDISRLGDPQVWIDAGTQIFFSYAICLGAMTSLGSYNKYKY
NSYRDCMLLGCLNSGTSFVSGFAIFSILGFMAQEQGVDIADVAESGPGLAFIAYPKAVTMMPLPTFWSILFFIMLLLLGL
DSQFVEVEGQITSLVDLYPSFLRKGYRREIFIAILCSISYLLGLTMVTEGGMYVFQLFDYYAASGVCLLWVAFFECFVIA
WIYGVNRFSEDIRDMIGYRPGPWMKYSWAVITPALCVGCFVFSLVKYVPLTYNKVYRYPDWAIGLGWGLALSSMLCIPLV
IVILLCRTEGPLRVRIKYLITPREPNRWAVEREGATPFHSRVTLMNGALMKPSHVIVETMM
;
A
3 'polypeptide(L)'
;ENVLTQSPAIMSTSPGEKVTMTCRASSSVGSSYLHWYQQKSGASPKLWIYSTSNLASGVPARFSGSGSGTSYSLTISSVE
AEDAATYYCQQFSGYPLTFGSGTKLEMK
;
L
#
loop_
_chem_comp.id
_chem_comp.type
_chem_comp.name
_chem_comp.formula
CL non-polymer 'CHLORIDE ION' 'Cl -1'
IZC non-polymer '2H-IMIDAZOL-4-YLACETIC ACID' 'C5 H6 N2 O2'
NA non-polymer 'SODIUM ION' 'Na 1'
#
# COMPACT_ATOMS: atom_id res chain seq x y z
N GLU A 1 -36.62 2.66 -4.98
CA GLU A 1 -36.48 1.64 -6.01
C GLU A 1 -35.72 2.18 -7.21
N VAL A 2 -34.72 1.42 -7.66
CA VAL A 2 -33.89 1.83 -8.79
C VAL A 2 -34.66 1.54 -10.07
N GLN A 3 -34.93 2.59 -10.85
CA GLN A 3 -35.63 2.45 -12.12
C GLN A 3 -35.09 3.49 -13.08
N LEU A 4 -34.55 3.02 -14.21
CA LEU A 4 -34.02 3.89 -15.24
C LEU A 4 -35.09 4.07 -16.32
N VAL A 5 -35.48 5.32 -16.56
CA VAL A 5 -36.54 5.63 -17.52
C VAL A 5 -35.92 6.39 -18.69
N GLU A 6 -36.05 5.84 -19.88
CA GLU A 6 -35.52 6.46 -21.09
C GLU A 6 -36.65 7.07 -21.91
N SER A 7 -36.28 8.05 -22.73
CA SER A 7 -37.22 8.74 -23.60
C SER A 7 -36.49 9.17 -24.86
N GLY A 8 -37.18 9.90 -25.74
CA GLY A 8 -36.56 10.42 -26.94
C GLY A 8 -36.53 9.46 -28.12
N GLY A 9 -37.24 8.34 -28.05
CA GLY A 9 -37.26 7.43 -29.17
C GLY A 9 -38.20 7.88 -30.27
N GLY A 10 -37.88 7.50 -31.50
CA GLY A 10 -38.70 7.87 -32.63
C GLY A 10 -37.98 7.54 -33.93
N LEU A 11 -38.51 8.09 -35.01
CA LEU A 11 -37.99 7.87 -36.35
C LEU A 11 -37.30 9.14 -36.82
N VAL A 12 -36.07 8.99 -37.33
CA VAL A 12 -35.30 10.11 -37.85
C VAL A 12 -34.71 9.72 -39.21
N LYS A 13 -34.39 10.75 -40.00
CA LYS A 13 -33.78 10.55 -41.30
C LYS A 13 -32.33 10.11 -41.14
N PRO A 14 -31.77 9.44 -42.16
CA PRO A 14 -30.33 9.15 -42.14
C PRO A 14 -29.50 10.43 -42.13
N GLY A 15 -28.46 10.43 -41.31
CA GLY A 15 -27.67 11.62 -41.10
C GLY A 15 -28.32 12.67 -40.23
N GLY A 16 -29.45 12.35 -39.59
CA GLY A 16 -30.13 13.28 -38.73
C GLY A 16 -29.54 13.28 -37.33
N SER A 17 -30.21 14.02 -36.44
CA SER A 17 -29.78 14.17 -35.06
C SER A 17 -30.94 13.92 -34.12
N LEU A 18 -30.69 13.13 -33.08
CA LEU A 18 -31.69 12.85 -32.05
C LEU A 18 -30.97 12.76 -30.72
N LYS A 19 -31.70 13.10 -29.65
CA LYS A 19 -31.14 13.21 -28.31
C LYS A 19 -31.97 12.36 -27.36
N LEU A 20 -31.33 11.37 -26.75
CA LEU A 20 -32.02 10.50 -25.79
C LEU A 20 -31.89 11.06 -24.38
N SER A 21 -32.77 10.58 -23.51
CA SER A 21 -32.89 11.12 -22.15
C SER A 21 -33.20 9.96 -21.20
N CYS A 22 -32.14 9.37 -20.62
CA CYS A 22 -32.31 8.34 -19.60
C CYS A 22 -32.46 9.05 -18.26
N ALA A 23 -33.70 9.22 -17.82
CA ALA A 23 -33.96 9.81 -16.51
C ALA A 23 -33.86 8.72 -15.45
N ALA A 24 -33.11 8.99 -14.39
CA ALA A 24 -32.79 7.99 -13.39
C ALA A 24 -33.23 8.44 -12.01
N SER A 25 -33.65 7.47 -11.21
CA SER A 25 -34.03 7.71 -9.82
C SER A 25 -33.87 6.42 -9.04
N GLY A 26 -33.78 6.55 -7.72
CA GLY A 26 -33.61 5.39 -6.86
C GLY A 26 -32.19 5.15 -6.41
N PHE A 27 -31.23 5.93 -6.88
CA PHE A 27 -29.86 5.81 -6.43
C PHE A 27 -29.18 7.17 -6.54
N THR A 28 -28.05 7.30 -5.87
CA THR A 28 -27.21 8.50 -6.00
C THR A 28 -26.60 8.49 -7.39
N PHE A 29 -27.17 9.28 -8.30
CA PHE A 29 -26.80 9.24 -9.70
C PHE A 29 -25.39 9.74 -9.94
N SER A 30 -24.91 10.66 -9.10
CA SER A 30 -23.58 11.22 -9.25
C SER A 30 -22.47 10.22 -8.90
N SER A 31 -22.81 9.11 -8.27
CA SER A 31 -21.83 8.13 -7.81
C SER A 31 -21.88 6.83 -8.59
N TYR A 32 -22.57 6.81 -9.73
CA TYR A 32 -22.68 5.60 -10.53
C TYR A 32 -22.37 5.89 -11.99
N ALA A 33 -21.51 5.08 -12.58
CA ALA A 33 -21.04 5.30 -13.94
C ALA A 33 -22.05 4.74 -14.94
N MET A 34 -22.68 5.63 -15.69
CA MET A 34 -23.71 5.24 -16.63
C MET A 34 -23.11 4.63 -17.88
N SER A 35 -23.97 4.02 -18.69
CA SER A 35 -23.60 3.53 -20.01
C SER A 35 -24.84 3.52 -20.89
N TRP A 36 -24.62 3.48 -22.20
CA TRP A 36 -25.69 3.29 -23.16
C TRP A 36 -25.40 2.02 -23.94
N VAL A 37 -26.33 1.08 -23.94
CA VAL A 37 -26.19 -0.18 -24.64
C VAL A 37 -27.37 -0.31 -25.60
N ARG A 38 -27.08 -0.45 -26.89
CA ARG A 38 -28.14 -0.56 -27.88
C ARG A 38 -28.37 -2.03 -28.23
N GLN A 39 -29.56 -2.30 -28.74
CA GLN A 39 -29.92 -3.64 -29.18
C GLN A 39 -30.44 -3.56 -30.61
N SER A 40 -29.74 -4.22 -31.53
CA SER A 40 -30.07 -4.20 -32.93
C SER A 40 -31.41 -4.92 -33.16
N PRO A 41 -32.12 -4.62 -34.25
CA PRO A 41 -33.40 -5.29 -34.51
C PRO A 41 -33.32 -6.80 -34.71
N GLU A 42 -32.15 -7.36 -34.99
CA GLU A 42 -31.96 -8.81 -34.94
C GLU A 42 -31.54 -9.30 -33.56
N LYS A 43 -31.67 -8.45 -32.53
CA LYS A 43 -31.42 -8.79 -31.12
C LYS A 43 -29.98 -9.24 -30.89
N ARG A 44 -29.03 -8.47 -31.42
CA ARG A 44 -27.61 -8.61 -31.13
C ARG A 44 -27.20 -7.42 -30.28
N LEU A 45 -27.02 -7.64 -28.98
CA LEU A 45 -26.86 -6.55 -28.05
C LEU A 45 -25.46 -5.95 -28.16
N GLU A 46 -25.38 -4.62 -28.12
CA GLU A 46 -24.13 -3.93 -28.43
C GLU A 46 -23.97 -2.71 -27.55
N TRP A 47 -22.81 -2.60 -26.90
CA TRP A 47 -22.51 -1.46 -26.05
C TRP A 47 -22.06 -0.27 -26.90
N VAL A 48 -22.53 0.92 -26.53
CA VAL A 48 -22.32 2.13 -27.33
C VAL A 48 -21.32 3.07 -26.64
N ALA A 49 -21.63 3.52 -25.43
CA ALA A 49 -20.88 4.60 -24.82
C ALA A 49 -21.15 4.61 -23.33
N GLU A 50 -20.10 4.69 -22.53
CA GLU A 50 -20.24 4.84 -21.10
C GLU A 50 -19.63 6.15 -20.66
N ILE A 51 -20.03 6.58 -19.47
CA ILE A 51 -19.52 7.80 -18.86
C ILE A 51 -19.28 7.51 -17.38
N SER A 52 -18.22 8.09 -16.83
CA SER A 52 -17.80 7.77 -15.47
C SER A 52 -18.73 8.43 -14.45
N SER A 53 -18.34 8.31 -13.17
CA SER A 53 -19.17 8.83 -12.09
C SER A 53 -19.25 10.35 -12.12
N GLY A 54 -18.13 11.02 -12.40
CA GLY A 54 -18.12 12.46 -12.47
C GLY A 54 -18.30 13.04 -13.85
N GLY A 55 -18.31 12.21 -14.88
CA GLY A 55 -18.44 12.70 -16.23
C GLY A 55 -17.16 13.11 -16.89
N ARG A 56 -16.02 12.91 -16.24
CA ARG A 56 -14.73 13.28 -16.83
C ARG A 56 -14.19 12.19 -17.74
N TYR A 57 -14.45 10.93 -17.43
CA TYR A 57 -13.91 9.80 -18.18
C TYR A 57 -15.01 9.20 -19.04
N ILE A 58 -14.95 9.50 -20.34
CA ILE A 58 -15.99 9.16 -21.30
C ILE A 58 -15.39 8.21 -22.33
N TYR A 59 -16.04 7.07 -22.52
CA TYR A 59 -15.64 6.10 -23.51
C TYR A 59 -16.77 5.87 -24.51
N TYR A 60 -16.41 5.57 -25.75
CA TYR A 60 -17.38 5.20 -26.77
C TYR A 60 -16.94 3.90 -27.44
N SER A 61 -17.88 3.28 -28.14
CA SER A 61 -17.55 2.12 -28.96
C SER A 61 -16.78 2.56 -30.20
N ASP A 62 -16.13 1.58 -30.85
CA ASP A 62 -15.32 1.89 -32.03
C ASP A 62 -16.20 2.27 -33.22
N THR A 63 -17.43 1.78 -33.25
CA THR A 63 -18.32 2.10 -34.37
C THR A 63 -18.85 3.52 -34.27
N VAL A 64 -19.08 4.01 -33.05
CA VAL A 64 -19.74 5.29 -32.83
C VAL A 64 -18.83 6.26 -32.10
N THR A 65 -17.51 6.16 -32.34
CA THR A 65 -16.56 6.98 -31.61
C THR A 65 -16.66 8.45 -32.00
N GLY A 66 -16.67 8.74 -33.29
CA GLY A 66 -16.56 10.10 -33.76
C GLY A 66 -17.86 10.87 -33.95
N ARG A 67 -19.00 10.29 -33.61
CA ARG A 67 -20.27 10.96 -33.87
C ARG A 67 -21.30 10.83 -32.76
N PHE A 68 -20.97 10.23 -31.62
CA PHE A 68 -21.89 10.07 -30.51
C PHE A 68 -21.35 10.83 -29.31
N THR A 69 -22.24 11.46 -28.56
CA THR A 69 -21.86 12.31 -27.42
C THR A 69 -22.75 11.98 -26.22
N ILE A 70 -22.18 11.29 -25.23
CA ILE A 70 -22.88 10.99 -23.99
C ILE A 70 -22.62 12.10 -22.98
N SER A 71 -23.67 12.49 -22.26
CA SER A 71 -23.55 13.54 -21.26
C SER A 71 -24.49 13.21 -20.10
N ARG A 72 -24.22 13.82 -18.96
CA ARG A 72 -25.03 13.63 -17.76
C ARG A 72 -25.55 14.97 -17.26
N ASP A 73 -26.53 14.88 -16.36
CA ASP A 73 -27.02 16.03 -15.59
C ASP A 73 -27.23 15.53 -14.17
N ASN A 74 -26.18 15.62 -13.35
CA ASN A 74 -26.22 15.09 -12.00
C ASN A 74 -27.11 15.89 -11.06
N ALA A 75 -27.48 17.11 -11.43
CA ALA A 75 -28.34 17.93 -10.58
C ALA A 75 -29.76 17.36 -10.50
N ARG A 76 -30.29 16.90 -11.63
CA ARG A 76 -31.65 16.36 -11.69
C ARG A 76 -31.69 14.90 -12.07
N ASN A 77 -30.53 14.25 -12.24
CA ASN A 77 -30.37 12.82 -12.52
C ASN A 77 -31.05 12.42 -13.84
N ILE A 78 -30.50 12.97 -14.94
CA ILE A 78 -30.85 12.53 -16.28
C ILE A 78 -29.56 12.23 -17.04
N LEU A 79 -29.50 11.05 -17.65
CA LEU A 79 -28.45 10.68 -18.59
C LEU A 79 -28.89 11.00 -20.02
N HIS A 80 -27.99 11.58 -20.80
CA HIS A 80 -28.27 11.91 -22.19
C HIS A 80 -27.32 11.17 -23.11
N LEU A 81 -27.65 11.19 -24.40
CA LEU A 81 -26.76 10.64 -25.43
C LEU A 81 -27.08 11.39 -26.73
N GLU A 82 -26.20 12.33 -27.10
CA GLU A 82 -26.38 13.06 -28.34
C GLU A 82 -25.89 12.23 -29.52
N MET A 83 -26.65 12.26 -30.61
CA MET A 83 -26.28 11.59 -31.84
C MET A 83 -26.31 12.58 -33.00
N SER A 84 -25.30 12.49 -33.86
CA SER A 84 -25.28 13.24 -35.11
C SER A 84 -24.64 12.36 -36.15
N SER A 85 -24.90 12.70 -37.42
CA SER A 85 -24.51 11.89 -38.59
C SER A 85 -25.02 10.46 -38.45
N LEU A 86 -26.29 10.35 -38.07
CA LEU A 86 -26.89 9.07 -37.70
C LEU A 86 -27.18 8.28 -38.96
N ARG A 87 -26.40 7.22 -39.20
CA ARG A 87 -26.46 6.49 -40.46
C ARG A 87 -27.58 5.45 -40.40
N SER A 88 -27.65 4.62 -41.44
CA SER A 88 -28.73 3.64 -41.54
C SER A 88 -28.53 2.48 -40.56
N GLU A 89 -27.29 2.05 -40.35
CA GLU A 89 -27.03 0.93 -39.45
C GLU A 89 -26.71 1.48 -38.04
N ASP A 90 -27.66 2.27 -37.55
CA ASP A 90 -27.70 2.72 -36.16
C ASP A 90 -29.10 2.62 -35.58
N THR A 91 -30.08 2.14 -36.35
CA THR A 91 -31.38 1.83 -35.78
C THR A 91 -31.27 0.64 -34.84
N ALA A 92 -31.82 0.79 -33.65
CA ALA A 92 -31.63 -0.16 -32.57
C ALA A 92 -32.66 0.13 -31.48
N MET A 93 -32.52 -0.55 -30.35
CA MET A 93 -33.26 -0.26 -29.13
C MET A 93 -32.24 0.10 -28.09
N TYR A 94 -32.20 1.37 -27.70
CA TYR A 94 -31.13 1.89 -26.86
C TYR A 94 -31.52 1.79 -25.39
N TYR A 95 -30.76 1.02 -24.63
CA TYR A 95 -30.92 0.93 -23.18
C TYR A 95 -29.84 1.76 -22.51
N CYS A 96 -30.19 2.43 -21.41
CA CYS A 96 -29.19 2.98 -20.52
C CYS A 96 -28.96 1.98 -19.39
N ALA A 97 -27.70 1.71 -19.09
CA ALA A 97 -27.33 0.65 -18.18
C ALA A 97 -26.40 1.20 -17.10
N ARG A 98 -26.69 0.88 -15.85
CA ARG A 98 -25.90 1.34 -14.72
C ARG A 98 -24.76 0.35 -14.49
N GLY A 99 -23.58 0.65 -15.00
CA GLY A 99 -22.45 -0.18 -14.64
C GLY A 99 -21.32 0.61 -14.03
N GLU A 100 -21.14 0.49 -12.73
CA GLU A 100 -20.12 1.25 -12.01
C GLU A 100 -18.95 0.36 -11.61
N VAL A 101 -19.23 -0.70 -10.86
CA VAL A 101 -18.23 -1.70 -10.56
C VAL A 101 -17.99 -2.53 -11.81
N ARG A 102 -16.73 -2.59 -12.25
CA ARG A 102 -16.42 -3.40 -13.42
C ARG A 102 -16.54 -4.90 -13.15
N GLN A 103 -16.47 -5.31 -11.89
CA GLN A 103 -16.69 -6.70 -11.53
C GLN A 103 -18.17 -7.04 -11.38
N ARG A 104 -19.04 -6.04 -11.27
CA ARG A 104 -20.48 -6.26 -11.18
C ARG A 104 -21.18 -6.09 -12.51
N GLY A 105 -20.78 -5.11 -13.32
CA GLY A 105 -21.38 -4.93 -14.62
C GLY A 105 -22.64 -4.10 -14.57
N PHE A 106 -23.43 -4.20 -15.64
CA PHE A 106 -24.66 -3.43 -15.79
C PHE A 106 -25.75 -4.09 -14.97
N ASP A 107 -25.73 -3.86 -13.66
CA ASP A 107 -26.65 -4.57 -12.79
C ASP A 107 -28.06 -4.00 -12.79
N TYR A 108 -28.27 -2.84 -13.39
CA TYR A 108 -29.62 -2.29 -13.54
C TYR A 108 -29.76 -1.67 -14.92
N TRP A 109 -30.80 -2.07 -15.64
CA TRP A 109 -31.07 -1.60 -16.99
C TRP A 109 -32.36 -0.80 -17.04
N GLY A 110 -32.51 -0.01 -18.09
CA GLY A 110 -33.71 0.74 -18.34
C GLY A 110 -34.61 0.08 -19.37
N GLN A 111 -35.65 0.80 -19.76
CA GLN A 111 -36.54 0.36 -20.83
C GLN A 111 -35.91 0.67 -22.18
N GLY A 112 -36.67 0.53 -23.25
CA GLY A 112 -36.16 0.73 -24.60
C GLY A 112 -36.74 1.97 -25.24
N THR A 113 -35.92 2.66 -26.02
CA THR A 113 -36.35 3.72 -26.92
C THR A 113 -36.07 3.24 -28.34
N THR A 114 -37.12 2.76 -29.01
CA THR A 114 -36.96 2.18 -30.34
C THR A 114 -36.63 3.27 -31.34
N LEU A 115 -35.37 3.32 -31.76
CA LEU A 115 -34.90 4.28 -32.74
C LEU A 115 -34.93 3.64 -34.12
N THR A 116 -35.59 4.30 -35.06
CA THR A 116 -35.69 3.83 -36.43
C THR A 116 -35.08 4.86 -37.36
N VAL A 117 -34.27 4.42 -38.31
CA VAL A 117 -33.66 5.29 -39.31
C VAL A 117 -34.20 4.89 -40.67
N SER A 118 -34.86 5.82 -41.35
CA SER A 118 -35.52 5.54 -42.61
C SER A 118 -34.72 6.10 -43.79
N PHE B 50 5.27 -6.96 -9.93
CA PHE B 50 5.04 -5.86 -9.00
C PHE B 50 5.16 -6.31 -7.55
N VAL B 51 4.34 -7.31 -7.18
CA VAL B 51 4.21 -7.74 -5.78
C VAL B 51 5.52 -8.30 -5.25
N LEU B 52 6.28 -8.99 -6.10
CA LEU B 52 7.53 -9.63 -5.70
C LEU B 52 8.57 -8.61 -5.27
N SER B 53 8.66 -7.47 -5.98
CA SER B 53 9.59 -6.42 -5.61
C SER B 53 9.03 -5.49 -4.54
N VAL B 54 7.81 -5.70 -4.09
CA VAL B 54 7.19 -4.88 -3.06
C VAL B 54 6.95 -5.66 -1.77
N ALA B 55 6.71 -6.98 -1.85
CA ALA B 55 6.64 -7.81 -0.66
C ALA B 55 7.97 -7.90 0.08
N GLY B 56 9.08 -7.57 -0.57
CA GLY B 56 10.34 -7.36 0.12
C GLY B 56 10.60 -5.88 0.30
N GLY B 57 9.78 -5.05 -0.35
CA GLY B 57 10.02 -3.62 -0.35
C GLY B 57 9.67 -2.91 0.93
N PHE B 58 8.69 -3.41 1.66
CA PHE B 58 8.34 -2.82 2.94
C PHE B 58 8.16 -3.85 4.05
N VAL B 59 8.37 -5.12 3.77
CA VAL B 59 8.52 -6.15 4.81
C VAL B 59 10.02 -6.27 5.04
N GLY B 60 10.54 -5.43 5.93
CA GLY B 60 11.97 -5.38 6.16
C GLY B 60 12.30 -5.23 7.62
N LEU B 61 13.26 -4.35 7.95
CA LEU B 61 13.69 -4.19 9.32
C LEU B 61 12.67 -3.45 10.18
N GLY B 62 11.66 -2.83 9.56
CA GLY B 62 10.58 -2.20 10.32
C GLY B 62 9.68 -3.18 11.04
N ASN B 63 9.67 -4.43 10.62
CA ASN B 63 8.84 -5.46 11.25
C ASN B 63 9.62 -6.33 12.22
N VAL B 64 10.89 -6.63 11.90
CA VAL B 64 11.70 -7.47 12.77
C VAL B 64 12.55 -6.68 13.75
N TRP B 65 12.66 -5.37 13.57
CA TRP B 65 13.51 -4.58 14.45
C TRP B 65 12.80 -3.37 15.05
N ARG B 66 11.98 -2.67 14.26
CA ARG B 66 11.40 -1.41 14.70
C ARG B 66 10.17 -1.63 15.58
N PHE B 67 9.19 -2.37 15.06
CA PHE B 67 8.00 -2.70 15.84
C PHE B 67 8.30 -3.44 17.14
N PRO B 68 9.29 -4.41 17.22
CA PRO B 68 9.73 -4.90 18.53
C PRO B 68 10.06 -3.86 19.58
N TYR B 69 11.00 -2.93 19.31
CA TYR B 69 11.35 -2.05 20.42
C TYR B 69 10.34 -0.94 20.58
N LEU B 70 9.55 -0.63 19.53
CA LEU B 70 8.50 0.36 19.72
C LEU B 70 7.36 -0.20 20.55
N CYS B 71 7.14 -1.51 20.46
CA CYS B 71 6.20 -2.18 21.35
C CYS B 71 6.78 -2.27 22.76
N TYR B 72 8.09 -2.52 22.86
CA TYR B 72 8.72 -2.67 24.16
C TYR B 72 8.82 -1.35 24.90
N LYS B 73 9.08 -0.26 24.17
CA LYS B 73 9.24 1.06 24.76
C LYS B 73 7.93 1.63 25.29
N ASN B 74 6.80 1.16 24.78
CA ASN B 74 5.48 1.71 25.10
C ASN B 74 4.59 0.73 25.84
N GLY B 75 5.16 -0.27 26.50
CA GLY B 75 4.41 -1.12 27.40
C GLY B 75 3.83 -2.38 26.81
N GLY B 76 4.10 -2.69 25.55
CA GLY B 76 3.74 -3.99 25.01
C GLY B 76 2.29 -4.14 24.61
N GLY B 77 1.42 -4.33 25.60
CA GLY B 77 0.01 -4.51 25.28
C GLY B 77 -0.65 -3.23 24.83
N ALA B 78 -0.30 -2.11 25.47
CA ALA B 78 -0.91 -0.83 25.16
C ALA B 78 -0.40 -0.24 23.86
N PHE B 79 0.66 -0.79 23.27
CA PHE B 79 1.11 -0.32 21.97
C PHE B 79 0.24 -0.82 20.83
N LEU B 80 -0.38 -1.99 21.00
CA LEU B 80 -1.12 -2.59 19.91
C LEU B 80 -2.46 -1.92 19.65
N ILE B 81 -3.03 -1.23 20.62
CA ILE B 81 -4.30 -0.52 20.43
C ILE B 81 -4.12 0.63 19.43
N PRO B 82 -3.18 1.60 19.60
CA PRO B 82 -3.01 2.58 18.52
C PRO B 82 -2.36 2.02 17.28
N TYR B 83 -1.63 0.91 17.40
CA TYR B 83 -1.10 0.22 16.23
C TYR B 83 -2.22 -0.23 15.31
N PHE B 84 -3.22 -0.91 15.86
CA PHE B 84 -4.31 -1.40 15.04
C PHE B 84 -5.28 -0.30 14.65
N ILE B 85 -5.46 0.71 15.51
CA ILE B 85 -6.28 1.86 15.15
C ILE B 85 -5.69 2.59 13.95
N PHE B 86 -4.38 2.86 13.98
CA PHE B 86 -3.71 3.49 12.85
C PHE B 86 -3.65 2.58 11.63
N LEU B 87 -3.52 1.27 11.86
CA LEU B 87 -3.45 0.32 10.76
C LEU B 87 -4.75 0.26 9.98
N PHE B 88 -5.88 0.25 10.66
CA PHE B 88 -7.14 0.11 9.96
C PHE B 88 -7.73 1.45 9.53
N GLY B 89 -7.62 2.49 10.36
CA GLY B 89 -8.15 3.78 9.96
C GLY B 89 -7.23 4.58 9.07
N SER B 90 -5.93 4.33 9.15
CA SER B 90 -4.95 5.13 8.41
C SER B 90 -4.10 4.30 7.46
N GLY B 91 -3.46 3.24 7.94
CA GLY B 91 -2.32 2.67 7.24
C GLY B 91 -2.65 2.02 5.91
N LEU B 92 -3.69 1.21 5.86
CA LEU B 92 -4.11 0.64 4.59
C LEU B 92 -4.83 1.66 3.71
N PRO B 93 -5.65 2.60 4.25
CA PRO B 93 -6.07 3.75 3.42
C PRO B 93 -4.94 4.56 2.80
N VAL B 94 -3.91 4.94 3.57
CA VAL B 94 -2.81 5.71 2.98
C VAL B 94 -1.96 4.83 2.08
N PHE B 95 -1.93 3.52 2.33
CA PHE B 95 -1.23 2.60 1.45
C PHE B 95 -1.87 2.57 0.06
N PHE B 96 -3.19 2.36 0.03
CA PHE B 96 -3.92 2.41 -1.23
C PHE B 96 -3.86 3.81 -1.84
N LEU B 97 -3.83 4.85 -0.99
CA LEU B 97 -3.82 6.22 -1.48
C LEU B 97 -2.54 6.53 -2.25
N GLU B 98 -1.37 6.22 -1.67
CA GLU B 98 -0.13 6.50 -2.40
C GLU B 98 0.07 5.57 -3.58
N VAL B 99 -0.39 4.31 -3.47
CA VAL B 99 -0.25 3.40 -4.62
C VAL B 99 -1.08 3.90 -5.80
N ILE B 100 -2.31 4.33 -5.54
CA ILE B 100 -3.15 4.86 -6.62
C ILE B 100 -2.71 6.25 -7.09
N ILE B 101 -2.15 7.08 -6.21
CA ILE B 101 -1.59 8.36 -6.66
C ILE B 101 -0.42 8.11 -7.61
N GLY B 102 0.41 7.12 -7.31
CA GLY B 102 1.47 6.75 -8.24
C GLY B 102 0.96 6.14 -9.53
N GLN B 103 -0.05 5.27 -9.44
CA GLN B 103 -0.54 4.55 -10.61
C GLN B 103 -1.34 5.44 -11.57
N TYR B 104 -2.12 6.36 -11.03
CA TYR B 104 -2.95 7.25 -11.85
C TYR B 104 -2.08 8.24 -12.63
N THR B 105 -1.13 8.87 -11.96
CA THR B 105 -0.20 9.76 -12.63
C THR B 105 0.78 8.95 -13.47
N SER B 106 1.17 9.50 -14.62
CA SER B 106 2.14 8.82 -15.48
C SER B 106 3.51 8.76 -14.85
N GLU B 107 3.82 9.69 -13.95
CA GLU B 107 5.07 9.72 -13.21
C GLU B 107 4.79 9.45 -11.73
N GLY B 108 5.83 9.58 -10.92
CA GLY B 108 5.71 9.35 -9.49
C GLY B 108 6.75 10.13 -8.73
N GLY B 109 6.48 10.34 -7.44
CA GLY B 109 7.39 11.09 -6.59
C GLY B 109 6.97 12.52 -6.40
N ILE B 110 7.83 13.46 -6.81
CA ILE B 110 7.53 14.88 -6.65
C ILE B 110 6.46 15.31 -7.64
N THR B 111 6.65 14.95 -8.90
CA THR B 111 5.82 15.44 -9.99
C THR B 111 4.53 14.65 -10.18
N CYS B 112 4.21 13.74 -9.27
CA CYS B 112 2.86 13.17 -9.24
C CYS B 112 1.86 14.16 -8.65
N TRP B 113 2.33 15.16 -7.92
CA TRP B 113 1.51 16.29 -7.52
C TRP B 113 1.60 17.42 -8.53
N GLU B 114 1.37 17.08 -9.80
CA GLU B 114 1.17 18.05 -10.86
C GLU B 114 -0.11 17.65 -11.58
N LYS B 115 -0.40 16.35 -11.56
CA LYS B 115 -1.67 15.83 -12.00
C LYS B 115 -2.67 15.70 -10.86
N ILE B 116 -2.24 15.93 -9.62
CA ILE B 116 -3.11 15.97 -8.44
C ILE B 116 -2.68 17.16 -7.59
N CYS B 117 -3.41 18.28 -7.68
CA CYS B 117 -3.21 19.50 -6.88
C CYS B 117 -1.78 20.03 -6.90
N PRO B 118 -1.37 20.73 -7.98
CA PRO B 118 0.02 21.23 -8.06
C PRO B 118 0.42 22.24 -6.99
N LEU B 119 -0.52 22.81 -6.23
CA LEU B 119 -0.16 23.71 -5.14
C LEU B 119 0.62 22.98 -4.06
N PHE B 120 0.19 21.78 -3.70
CA PHE B 120 0.89 20.96 -2.72
C PHE B 120 1.87 20.02 -3.40
N SER B 121 2.74 20.58 -4.24
CA SER B 121 3.72 19.81 -4.98
C SER B 121 4.85 19.30 -4.11
N GLY B 122 5.04 19.85 -2.92
CA GLY B 122 6.15 19.51 -2.07
C GLY B 122 5.88 18.42 -1.07
N ILE B 123 4.78 17.69 -1.21
CA ILE B 123 4.68 16.42 -0.50
C ILE B 123 5.71 15.45 -1.06
N GLY B 124 5.99 15.55 -2.37
CA GLY B 124 7.11 14.81 -2.93
C GLY B 124 8.45 15.24 -2.38
N TYR B 125 8.65 16.55 -2.16
CA TYR B 125 9.90 17.02 -1.59
C TYR B 125 10.05 16.59 -0.14
N ALA B 126 8.95 16.62 0.63
CA ALA B 126 8.95 16.09 1.97
C ALA B 126 9.28 14.60 1.97
N SER B 127 8.75 13.87 0.99
CA SER B 127 9.08 12.47 0.83
C SER B 127 10.54 12.25 0.49
N ILE B 128 11.14 13.14 -0.31
CA ILE B 128 12.58 13.05 -0.61
C ILE B 128 13.42 13.24 0.65
N VAL B 129 13.07 14.24 1.46
CA VAL B 129 13.82 14.47 2.70
C VAL B 129 13.68 13.29 3.65
N ILE B 130 12.45 12.76 3.77
CA ILE B 130 12.18 11.61 4.63
C ILE B 130 12.95 10.38 4.16
N VAL B 131 12.98 10.13 2.84
CA VAL B 131 13.64 8.91 2.37
C VAL B 131 15.15 9.07 2.44
N SER B 132 15.68 10.30 2.34
CA SER B 132 17.12 10.49 2.48
C SER B 132 17.58 10.19 3.90
N LEU B 133 16.89 10.79 4.89
CA LEU B 133 17.25 10.52 6.29
C LEU B 133 17.00 9.06 6.67
N LEU B 134 15.95 8.46 6.10
CA LEU B 134 15.67 7.05 6.31
C LEU B 134 16.76 6.17 5.73
N ASN B 135 17.28 6.51 4.54
CA ASN B 135 18.35 5.72 3.93
C ASN B 135 19.59 5.75 4.81
N VAL B 136 19.91 6.92 5.38
CA VAL B 136 21.07 7.04 6.27
C VAL B 136 20.94 6.14 7.50
N TYR B 137 19.87 6.34 8.29
CA TYR B 137 19.84 5.53 9.51
C TYR B 137 19.42 4.09 9.27
N TYR B 138 18.77 3.79 8.16
CA TYR B 138 18.43 2.41 7.86
C TYR B 138 19.69 1.62 7.50
N ILE B 139 20.58 2.23 6.71
CA ILE B 139 21.81 1.55 6.38
C ILE B 139 22.74 1.45 7.58
N VAL B 140 22.63 2.32 8.60
CA VAL B 140 23.48 2.01 9.77
C VAL B 140 22.86 0.88 10.62
N ILE B 141 21.54 0.64 10.54
CA ILE B 141 21.01 -0.62 11.09
C ILE B 141 21.64 -1.82 10.40
N LEU B 142 21.75 -1.75 9.07
CA LEU B 142 22.41 -2.85 8.36
C LEU B 142 23.90 -2.94 8.70
N ALA B 143 24.53 -1.83 9.07
CA ALA B 143 25.91 -1.86 9.55
C ALA B 143 26.03 -2.65 10.85
N TRP B 144 25.10 -2.43 11.78
CA TRP B 144 25.13 -3.22 13.02
C TRP B 144 24.82 -4.69 12.77
N ALA B 145 23.92 -4.98 11.83
CA ALA B 145 23.64 -6.37 11.48
C ALA B 145 24.86 -7.05 10.85
N THR B 146 25.60 -6.33 10.01
CA THR B 146 26.83 -6.86 9.43
C THR B 146 27.90 -7.09 10.50
N TYR B 147 27.99 -6.18 11.47
CA TYR B 147 28.96 -6.33 12.56
C TYR B 147 28.63 -7.52 13.43
N TYR B 148 27.33 -7.77 13.66
CA TYR B 148 26.93 -8.99 14.36
C TYR B 148 27.24 -10.24 13.55
N LEU B 149 27.03 -10.17 12.23
CA LEU B 149 27.31 -11.33 11.37
C LEU B 149 28.80 -11.68 11.35
N PHE B 150 29.67 -10.66 11.29
CA PHE B 150 31.09 -10.92 11.18
C PHE B 150 31.68 -11.46 12.46
N HIS B 151 31.11 -11.08 13.61
CA HIS B 151 31.54 -11.62 14.90
C HIS B 151 30.91 -12.98 15.20
N SER B 152 30.00 -13.46 14.36
CA SER B 152 29.37 -14.74 14.58
C SER B 152 30.15 -15.91 14.03
N PHE B 153 31.15 -15.67 13.17
CA PHE B 153 31.81 -16.76 12.47
C PHE B 153 32.71 -17.59 13.36
N GLN B 154 33.10 -17.06 14.52
CA GLN B 154 33.83 -17.86 15.49
C GLN B 154 32.87 -18.81 16.22
N LYS B 155 33.44 -19.88 16.78
CA LYS B 155 32.63 -20.98 17.29
C LYS B 155 31.89 -20.60 18.57
N ASP B 156 32.55 -19.86 19.46
CA ASP B 156 31.93 -19.35 20.68
C ASP B 156 31.49 -17.92 20.41
N LEU B 157 30.18 -17.67 20.48
CA LEU B 157 29.63 -16.37 20.18
C LEU B 157 30.07 -15.34 21.22
N PRO B 158 30.28 -14.08 20.82
CA PRO B 158 30.75 -13.07 21.77
C PRO B 158 29.72 -12.67 22.80
N TRP B 159 28.43 -12.84 22.51
CA TRP B 159 27.37 -12.49 23.43
C TRP B 159 26.84 -13.71 24.19
N ALA B 160 27.55 -14.84 24.13
CA ALA B 160 27.09 -16.04 24.80
C ALA B 160 27.57 -16.09 26.24
N HIS B 161 28.84 -15.78 26.48
CA HIS B 161 29.43 -15.86 27.80
C HIS B 161 29.97 -14.50 28.23
N CYS B 162 30.50 -14.46 29.45
CA CYS B 162 30.85 -13.20 30.11
C CYS B 162 32.34 -12.90 30.10
N ASN B 163 33.21 -13.91 30.11
CA ASN B 163 34.66 -13.67 30.23
C ASN B 163 35.18 -13.19 28.87
N HIS B 164 34.98 -11.90 28.61
CA HIS B 164 35.48 -11.25 27.41
C HIS B 164 36.15 -9.95 27.79
N SER B 165 36.82 -9.33 26.82
CA SER B 165 37.62 -8.14 27.11
C SER B 165 36.76 -6.90 27.33
N TRP B 166 35.57 -6.86 26.76
CA TRP B 166 34.71 -5.69 26.85
C TRP B 166 33.77 -5.73 28.04
N ASN B 167 33.77 -6.81 28.82
CA ASN B 167 32.80 -6.99 29.88
C ASN B 167 33.29 -6.37 31.20
N THR B 168 32.45 -5.54 31.80
CA THR B 168 32.73 -4.95 33.09
C THR B 168 32.60 -6.01 34.18
N PRO B 169 33.17 -5.76 35.38
CA PRO B 169 32.95 -6.68 36.51
C PRO B 169 31.52 -6.75 37.03
N GLN B 170 30.58 -5.96 36.50
CA GLN B 170 29.17 -6.08 36.82
C GLN B 170 28.44 -7.08 35.93
N CYS B 171 29.17 -8.08 35.42
CA CYS B 171 28.64 -9.07 34.49
C CYS B 171 28.61 -10.45 35.12
N MET B 172 27.48 -11.14 34.97
CA MET B 172 27.42 -12.59 35.13
C MET B 172 26.61 -13.18 34.00
N GLU B 173 26.78 -14.48 33.80
CA GLU B 173 25.99 -15.23 32.84
C GLU B 173 24.53 -15.27 33.28
N ASP B 174 23.65 -15.49 32.30
CA ASP B 174 22.21 -15.41 32.57
C ASP B 174 21.72 -16.57 33.41
N THR B 175 22.39 -17.72 33.35
CA THR B 175 21.99 -18.85 34.20
C THR B 175 22.52 -18.74 35.62
N LEU B 176 23.36 -17.73 35.91
CA LEU B 176 23.85 -17.50 37.26
C LEU B 176 23.17 -16.32 37.96
N ARG B 177 22.35 -15.55 37.26
CA ARG B 177 21.76 -14.37 37.86
C ARG B 177 20.67 -14.68 38.86
N ARG B 178 19.95 -15.80 38.66
CA ARG B 178 18.95 -16.22 39.64
C ARG B 178 19.61 -16.80 40.89
N ASN B 179 20.79 -17.41 40.75
CA ASN B 179 21.46 -18.01 41.91
C ASN B 179 22.06 -16.94 42.81
N GLU B 180 22.62 -15.88 42.23
CA GLU B 180 23.25 -14.81 43.00
C GLU B 180 22.17 -13.81 43.39
N SER B 181 21.52 -14.08 44.52
CA SER B 181 20.44 -13.27 45.13
C SER B 181 19.28 -13.01 44.17
N ALA B 189 19.15 -5.70 38.73
CA ALA B 189 19.71 -5.24 40.00
C ALA B 189 21.19 -4.94 39.86
N ASN B 190 21.49 -3.80 39.22
CA ASN B 190 22.81 -3.28 38.85
C ASN B 190 23.79 -4.34 38.35
N PHE B 191 23.31 -5.27 37.53
CA PHE B 191 24.14 -6.25 36.85
C PHE B 191 23.65 -6.39 35.42
N THR B 192 24.58 -6.67 34.51
CA THR B 192 24.30 -6.68 33.09
C THR B 192 24.41 -8.08 32.50
N SER B 193 23.48 -8.42 31.63
CA SER B 193 23.56 -9.65 30.88
C SER B 193 24.64 -9.54 29.81
N PRO B 194 25.23 -10.67 29.39
CA PRO B 194 26.24 -10.61 28.32
C PRO B 194 25.73 -10.11 26.98
N VAL B 195 24.45 -10.29 26.64
CA VAL B 195 23.97 -9.82 25.35
C VAL B 195 23.85 -8.29 25.33
N ILE B 196 23.25 -7.70 26.38
CA ILE B 196 23.14 -6.24 26.49
C ILE B 196 24.52 -5.60 26.60
N GLU B 197 25.39 -6.21 27.39
CA GLU B 197 26.68 -5.58 27.62
C GLU B 197 27.62 -5.78 26.44
N PHE B 198 27.51 -6.92 25.73
CA PHE B 198 28.23 -7.07 24.46
C PHE B 198 27.77 -6.03 23.45
N TRP B 199 26.45 -5.84 23.34
CA TRP B 199 25.89 -4.82 22.44
C TRP B 199 26.44 -3.44 22.76
N GLU B 200 26.20 -2.96 23.98
CA GLU B 200 26.55 -1.60 24.37
C GLU B 200 28.05 -1.36 24.58
N ARG B 201 28.86 -2.42 24.71
CA ARG B 201 30.29 -2.22 24.98
C ARG B 201 31.21 -2.69 23.87
N ASN B 202 30.73 -3.49 22.92
CA ASN B 202 31.52 -3.89 21.78
C ASN B 202 30.90 -3.46 20.46
N VAL B 203 29.59 -3.58 20.29
CA VAL B 203 28.99 -3.14 19.04
C VAL B 203 28.83 -1.63 19.06
N LEU B 204 28.08 -1.12 20.02
CA LEU B 204 27.87 0.31 20.11
C LEU B 204 29.11 1.02 20.64
N SER B 205 29.79 0.42 21.62
CA SER B 205 30.77 1.08 22.47
C SER B 205 30.19 2.38 23.02
N LEU B 206 29.06 2.23 23.69
CA LEU B 206 28.16 3.35 23.93
C LEU B 206 28.73 4.30 24.97
N SER B 207 28.69 5.59 24.65
CA SER B 207 29.33 6.63 25.45
C SER B 207 28.35 7.17 26.49
N SER B 208 28.72 8.28 27.12
CA SER B 208 27.93 8.87 28.20
C SER B 208 26.89 9.87 27.72
N GLY B 209 26.79 10.11 26.43
CA GLY B 209 25.79 11.03 25.92
C GLY B 209 26.08 11.41 24.48
N ILE B 210 25.13 12.15 23.91
CA ILE B 210 25.28 12.63 22.55
C ILE B 210 26.31 13.76 22.47
N ASP B 211 26.59 14.43 23.58
CA ASP B 211 27.60 15.47 23.61
C ASP B 211 29.02 14.93 23.73
N ASN B 212 29.18 13.62 23.90
CA ASN B 212 30.49 12.95 23.94
C ASN B 212 30.49 11.86 22.88
N PRO B 213 30.81 12.19 21.62
CA PRO B 213 30.90 11.16 20.58
C PRO B 213 32.13 10.28 20.70
N GLY B 214 33.11 10.65 21.53
CA GLY B 214 34.30 9.86 21.71
C GLY B 214 35.19 9.85 20.49
N SER B 215 35.25 8.70 19.81
CA SER B 215 35.97 8.56 18.56
C SER B 215 35.11 7.81 17.57
N LEU B 216 35.37 8.02 16.28
CA LEU B 216 34.69 7.27 15.23
C LEU B 216 35.09 5.80 15.35
N LYS B 217 34.12 4.93 15.58
CA LYS B 217 34.42 3.56 15.96
C LYS B 217 34.94 2.76 14.77
N TRP B 218 36.05 2.06 14.99
CA TRP B 218 36.61 1.22 13.96
C TRP B 218 35.74 -0.01 13.71
N ASP B 219 35.74 -0.46 12.46
CA ASP B 219 35.12 -1.66 11.89
C ASP B 219 33.60 -1.59 11.80
N LEU B 220 32.97 -0.65 12.51
CA LEU B 220 31.59 -0.33 12.15
C LEU B 220 31.54 0.60 10.95
N ALA B 221 32.54 1.49 10.82
CA ALA B 221 32.67 2.27 9.60
C ALA B 221 32.97 1.37 8.41
N LEU B 222 33.74 0.30 8.64
CA LEU B 222 34.01 -0.65 7.55
C LEU B 222 32.79 -1.50 7.23
N CYS B 223 31.98 -1.85 8.24
CA CYS B 223 30.73 -2.56 7.96
C CYS B 223 29.74 -1.67 7.22
N LEU B 224 29.68 -0.39 7.58
CA LEU B 224 28.81 0.55 6.87
C LEU B 224 29.31 0.78 5.44
N LEU B 225 30.63 0.84 5.25
CA LEU B 225 31.17 0.91 3.90
C LEU B 225 30.89 -0.35 3.11
N LEU B 226 30.84 -1.50 3.78
CA LEU B 226 30.53 -2.76 3.11
C LEU B 226 29.08 -2.78 2.62
N VAL B 227 28.14 -2.40 3.48
CA VAL B 227 26.74 -2.40 3.04
C VAL B 227 26.49 -1.28 2.03
N TRP B 228 27.23 -0.18 2.10
CA TRP B 228 27.05 0.85 1.08
C TRP B 228 27.68 0.46 -0.26
N LEU B 229 28.77 -0.31 -0.24
CA LEU B 229 29.31 -0.84 -1.50
C LEU B 229 28.36 -1.87 -2.10
N VAL B 230 27.70 -2.67 -1.25
CA VAL B 230 26.69 -3.61 -1.73
C VAL B 230 25.51 -2.85 -2.32
N CYS B 231 25.10 -1.75 -1.69
CA CYS B 231 23.98 -0.98 -2.21
C CYS B 231 24.33 -0.25 -3.50
N PHE B 232 25.52 0.36 -3.56
CA PHE B 232 25.91 1.08 -4.77
C PHE B 232 26.17 0.14 -5.94
N PHE B 233 26.65 -1.06 -5.67
CA PHE B 233 26.97 -2.01 -6.73
C PHE B 233 25.83 -2.97 -7.04
N CYS B 234 24.65 -2.78 -6.44
CA CYS B 234 23.50 -3.63 -6.76
C CYS B 234 22.20 -2.85 -6.86
N ILE B 235 22.25 -1.60 -7.30
CA ILE B 235 21.07 -0.79 -7.54
C ILE B 235 21.00 -0.28 -8.97
N TRP B 236 22.09 0.33 -9.44
CA TRP B 236 22.18 0.77 -10.83
C TRP B 236 23.45 0.32 -11.54
N LYS B 237 24.51 -0.02 -10.82
CA LYS B 237 25.69 -0.62 -11.43
C LYS B 237 25.51 -2.09 -11.74
N GLY B 238 24.46 -2.70 -11.23
CA GLY B 238 24.14 -4.09 -11.52
C GLY B 238 22.64 -4.26 -11.58
N VAL B 239 22.15 -5.39 -11.09
CA VAL B 239 20.73 -5.68 -11.06
C VAL B 239 20.33 -6.03 -9.64
N ARG B 240 19.06 -5.83 -9.33
CA ARG B 240 18.51 -6.17 -8.03
C ARG B 240 18.14 -7.65 -8.00
N SER B 241 17.40 -8.07 -6.99
CA SER B 241 16.94 -9.45 -6.91
C SER B 241 15.91 -9.71 -8.00
N THR B 242 16.30 -10.50 -9.00
CA THR B 242 15.44 -10.80 -10.14
C THR B 242 15.07 -12.27 -10.20
N GLY B 243 16.05 -13.17 -10.25
CA GLY B 243 15.78 -14.59 -10.34
C GLY B 243 15.96 -15.32 -9.02
N LYS B 244 16.50 -14.61 -8.03
CA LYS B 244 16.70 -15.16 -6.71
C LYS B 244 15.53 -14.92 -5.77
N VAL B 245 14.47 -14.27 -6.24
CA VAL B 245 13.29 -14.01 -5.41
C VAL B 245 12.51 -15.30 -5.17
N VAL B 246 12.58 -16.24 -6.10
CA VAL B 246 11.92 -17.54 -5.91
C VAL B 246 12.78 -18.42 -5.00
N TYR B 247 12.12 -19.07 -4.04
CA TYR B 247 12.69 -20.08 -3.14
C TYR B 247 13.77 -19.56 -2.18
N PHE B 248 14.08 -18.28 -2.25
CA PHE B 248 15.04 -17.64 -1.36
C PHE B 248 14.76 -16.15 -1.46
N THR B 249 15.27 -15.38 -0.47
CA THR B 249 15.24 -13.91 -0.36
C THR B 249 13.82 -13.42 -0.03
N ALA B 250 12.83 -14.31 -0.08
CA ALA B 250 11.45 -13.98 0.23
C ALA B 250 10.75 -15.03 1.09
N THR B 251 11.21 -16.28 1.09
CA THR B 251 10.68 -17.29 1.98
C THR B 251 11.68 -17.78 3.02
N PHE B 252 12.98 -17.67 2.75
CA PHE B 252 13.97 -17.83 3.81
C PHE B 252 13.83 -16.80 4.93
N PRO B 253 13.54 -15.50 4.69
CA PRO B 253 13.15 -14.63 5.81
C PRO B 253 11.99 -15.13 6.64
N PHE B 254 10.92 -15.61 6.00
CA PHE B 254 9.77 -16.05 6.76
C PHE B 254 10.01 -17.41 7.41
N ALA B 255 10.82 -18.27 6.79
CA ALA B 255 11.21 -19.51 7.45
C ALA B 255 12.09 -19.24 8.67
N MET B 256 12.99 -18.26 8.57
CA MET B 256 13.81 -17.90 9.72
C MET B 256 12.99 -17.25 10.82
N LEU B 257 12.00 -16.43 10.46
CA LEU B 257 11.11 -15.85 11.46
C LEU B 257 10.24 -16.92 12.12
N LEU B 258 9.83 -17.92 11.35
CA LEU B 258 9.10 -19.05 11.93
C LEU B 258 9.98 -19.86 12.88
N VAL B 259 11.25 -20.04 12.53
CA VAL B 259 12.19 -20.75 13.40
C VAL B 259 12.42 -19.98 14.69
N LEU B 260 12.59 -18.66 14.60
CA LEU B 260 12.73 -17.83 15.80
C LEU B 260 11.45 -17.82 16.63
N LEU B 261 10.29 -17.87 15.98
CA LEU B 261 9.02 -17.94 16.69
C LEU B 261 8.87 -19.25 17.45
N VAL B 262 9.17 -20.38 16.79
CA VAL B 262 9.04 -21.67 17.46
C VAL B 262 10.19 -21.95 18.40
N ARG B 263 11.23 -21.12 18.40
CA ARG B 263 12.22 -21.20 19.47
C ARG B 263 11.81 -20.36 20.67
N GLY B 264 11.41 -19.10 20.43
CA GLY B 264 11.07 -18.21 21.51
C GLY B 264 9.82 -18.63 22.27
N LEU B 265 8.82 -19.17 21.55
CA LEU B 265 7.59 -19.58 22.21
C LEU B 265 7.78 -20.83 23.05
N THR B 266 8.73 -21.68 22.68
CA THR B 266 9.03 -22.88 23.46
C THR B 266 10.06 -22.64 24.54
N LEU B 267 10.52 -21.41 24.71
CA LEU B 267 11.41 -21.08 25.80
C LEU B 267 10.64 -21.00 27.12
N PRO B 268 11.27 -21.37 28.24
CA PRO B 268 10.59 -21.26 29.53
C PRO B 268 10.38 -19.81 29.93
N GLY B 269 9.18 -19.54 30.45
CA GLY B 269 8.83 -18.19 30.84
C GLY B 269 8.38 -17.30 29.71
N ALA B 270 8.11 -17.85 28.53
CA ALA B 270 7.65 -17.06 27.41
C ALA B 270 6.19 -16.62 27.55
N GLY B 271 5.42 -17.30 28.40
CA GLY B 271 4.02 -16.95 28.56
C GLY B 271 3.83 -15.58 29.20
N GLU B 272 4.68 -15.23 30.16
CA GLU B 272 4.64 -13.89 30.72
C GLU B 272 5.12 -12.85 29.73
N GLY B 273 6.00 -13.24 28.80
CA GLY B 273 6.37 -12.32 27.73
C GLY B 273 5.23 -12.04 26.76
N ILE B 274 4.48 -13.08 26.40
CA ILE B 274 3.29 -12.88 25.57
C ILE B 274 2.22 -12.09 26.34
N LYS B 275 2.13 -12.30 27.65
CA LYS B 275 1.23 -11.50 28.48
C LYS B 275 1.64 -10.03 28.48
N PHE B 276 2.94 -9.75 28.55
CA PHE B 276 3.42 -8.37 28.40
C PHE B 276 3.14 -7.84 27.01
N TYR B 277 3.16 -8.72 26.00
CA TYR B 277 2.93 -8.29 24.62
C TYR B 277 1.47 -7.95 24.37
N LEU B 278 0.53 -8.61 25.06
CA LEU B 278 -0.87 -8.54 24.68
C LEU B 278 -1.80 -8.06 25.79
N TYR B 279 -1.28 -7.49 26.87
CA TYR B 279 -2.16 -6.96 27.93
C TYR B 279 -1.97 -5.45 28.02
N PRO B 280 -2.98 -4.66 27.67
CA PRO B 280 -2.81 -3.20 27.66
C PRO B 280 -2.73 -2.56 29.04
N ASP B 281 -2.83 -3.32 30.13
CA ASP B 281 -2.95 -2.74 31.46
C ASP B 281 -1.61 -2.31 32.05
N ILE B 282 -0.82 -1.56 31.28
CA ILE B 282 0.41 -0.90 31.70
C ILE B 282 0.74 0.09 30.58
N SER B 283 1.44 1.18 30.92
CA SER B 283 1.76 2.29 30.01
C SER B 283 0.49 2.84 29.35
N ARG B 284 -0.36 3.41 30.21
CA ARG B 284 -1.75 3.72 29.86
C ARG B 284 -1.83 4.78 28.76
N LEU B 285 -2.86 4.66 27.93
CA LEU B 285 -3.04 5.54 26.78
C LEU B 285 -3.57 6.91 27.18
N GLY B 286 -2.79 7.65 27.96
CA GLY B 286 -3.09 9.01 28.32
C GLY B 286 -1.85 9.85 28.11
N ASP B 287 -0.77 9.16 27.80
CA ASP B 287 0.55 9.67 27.43
C ASP B 287 0.74 9.46 25.94
N PRO B 288 1.08 10.51 25.19
CA PRO B 288 0.93 10.47 23.73
C PRO B 288 2.04 9.79 22.96
N GLN B 289 3.09 9.30 23.62
CA GLN B 289 4.18 8.66 22.88
C GLN B 289 3.73 7.34 22.28
N VAL B 290 2.75 6.68 22.88
CA VAL B 290 2.23 5.43 22.34
C VAL B 290 1.52 5.67 21.02
N TRP B 291 0.68 6.72 20.97
CA TRP B 291 -0.12 6.99 19.78
C TRP B 291 0.75 7.41 18.61
N ILE B 292 1.67 8.36 18.84
CA ILE B 292 2.53 8.83 17.78
C ILE B 292 3.57 7.77 17.39
N ASP B 293 4.02 6.96 18.36
CA ASP B 293 4.96 5.87 18.05
C ASP B 293 4.29 4.81 17.20
N ALA B 294 3.04 4.47 17.51
CA ALA B 294 2.32 3.48 16.70
C ALA B 294 1.96 4.02 15.33
N GLY B 295 1.56 5.29 15.26
CA GLY B 295 1.25 5.89 13.96
C GLY B 295 2.45 5.98 13.06
N THR B 296 3.61 6.34 13.61
CA THR B 296 4.81 6.36 12.80
C THR B 296 5.33 4.96 12.51
N GLN B 297 5.05 3.97 13.37
CA GLN B 297 5.40 2.60 13.03
C GLN B 297 4.57 2.10 11.85
N ILE B 298 3.28 2.44 11.82
CA ILE B 298 2.46 2.12 10.66
C ILE B 298 2.96 2.83 9.40
N PHE B 299 3.22 4.14 9.51
CA PHE B 299 3.61 4.90 8.34
C PHE B 299 5.07 4.70 7.95
N PHE B 300 5.83 3.99 8.78
CA PHE B 300 7.22 3.62 8.53
C PHE B 300 7.32 2.23 7.95
N SER B 301 6.61 1.26 8.54
CA SER B 301 6.60 -0.11 8.05
C SER B 301 5.93 -0.26 6.70
N TYR B 302 5.10 0.70 6.32
CA TYR B 302 4.48 0.71 5.00
C TYR B 302 5.21 1.59 4.01
N ALA B 303 6.23 2.32 4.46
CA ALA B 303 6.98 3.30 3.66
C ALA B 303 6.05 4.27 2.96
N ILE B 304 5.09 4.79 3.70
CA ILE B 304 3.89 5.34 3.11
C ILE B 304 3.74 6.84 3.39
N CYS B 305 4.81 7.48 3.84
CA CYS B 305 4.97 8.91 3.70
C CYS B 305 6.35 9.18 3.11
N LEU B 306 6.76 8.26 2.23
CA LEU B 306 8.13 8.12 1.79
C LEU B 306 8.35 8.46 0.32
N GLY B 307 7.31 8.39 -0.49
CA GLY B 307 7.45 8.50 -1.94
C GLY B 307 7.91 7.25 -2.63
N ALA B 308 8.27 6.21 -1.88
CA ALA B 308 8.70 4.95 -2.47
C ALA B 308 7.53 4.24 -3.13
N MET B 309 6.35 4.28 -2.52
CA MET B 309 5.22 3.56 -3.08
C MET B 309 4.64 4.31 -4.27
N THR B 310 4.67 5.64 -4.23
CA THR B 310 4.35 6.43 -5.41
C THR B 310 5.37 6.21 -6.52
N SER B 311 6.64 5.96 -6.16
CA SER B 311 7.65 5.60 -7.16
C SER B 311 7.36 4.23 -7.78
N LEU B 312 6.94 3.27 -6.96
CA LEU B 312 6.42 2.00 -7.47
C LEU B 312 4.89 2.05 -7.65
N GLY B 313 4.49 3.20 -8.14
CA GLY B 313 3.15 3.54 -8.55
C GLY B 313 3.15 3.44 -10.05
N SER B 314 3.59 4.51 -10.73
CA SER B 314 3.75 4.62 -12.19
C SER B 314 4.36 3.39 -12.88
N TYR B 315 5.17 2.60 -12.18
CA TYR B 315 5.58 1.30 -12.70
C TYR B 315 4.50 0.22 -12.48
N ASN B 316 3.25 0.55 -12.81
CA ASN B 316 2.11 -0.35 -12.84
C ASN B 316 1.31 -0.02 -14.08
N LYS B 317 0.49 -0.98 -14.52
CA LYS B 317 -0.44 -0.69 -15.60
C LYS B 317 -1.54 0.25 -15.10
N TYR B 318 -2.12 1.01 -16.03
CA TYR B 318 -3.16 1.97 -15.65
C TYR B 318 -4.40 1.27 -15.15
N LYS B 319 -4.91 0.29 -15.90
CA LYS B 319 -6.07 -0.47 -15.49
C LYS B 319 -5.64 -1.77 -14.80
N TYR B 320 -4.94 -1.59 -13.68
CA TYR B 320 -4.44 -2.71 -12.87
C TYR B 320 -5.18 -2.74 -11.56
N ASN B 321 -5.75 -3.90 -11.23
CA ASN B 321 -6.46 -4.11 -9.97
C ASN B 321 -5.44 -4.12 -8.84
N SER B 322 -5.30 -2.99 -8.16
CA SER B 322 -4.30 -2.81 -7.12
C SER B 322 -4.93 -2.44 -5.78
N TYR B 323 -6.09 -3.01 -5.48
CA TYR B 323 -6.72 -2.90 -4.17
C TYR B 323 -6.55 -4.18 -3.37
N ARG B 324 -6.88 -5.33 -3.97
CA ARG B 324 -6.68 -6.61 -3.31
C ARG B 324 -5.21 -6.88 -3.08
N ASP B 325 -4.35 -6.46 -4.03
CA ASP B 325 -2.91 -6.58 -3.84
C ASP B 325 -2.43 -5.75 -2.66
N CYS B 326 -2.94 -4.52 -2.52
CA CYS B 326 -2.50 -3.66 -1.44
C CYS B 326 -3.00 -4.15 -0.08
N MET B 327 -4.25 -4.63 0.00
CA MET B 327 -4.71 -5.22 1.25
C MET B 327 -3.97 -6.51 1.59
N LEU B 328 -3.66 -7.34 0.59
CA LEU B 328 -2.91 -8.56 0.85
C LEU B 328 -1.50 -8.25 1.35
N LEU B 329 -0.83 -7.28 0.72
CA LEU B 329 0.51 -6.91 1.14
C LEU B 329 0.52 -6.24 2.50
N GLY B 330 -0.48 -5.41 2.78
CA GLY B 330 -0.56 -4.76 4.08
C GLY B 330 -0.88 -5.73 5.20
N CYS B 331 -1.77 -6.68 4.95
CA CYS B 331 -2.06 -7.70 5.95
C CYS B 331 -0.88 -8.63 6.14
N LEU B 332 -0.11 -8.90 5.08
CA LEU B 332 1.12 -9.69 5.22
C LEU B 332 2.15 -8.96 6.06
N ASN B 333 2.29 -7.64 5.87
CA ASN B 333 3.23 -6.86 6.67
C ASN B 333 2.79 -6.77 8.12
N SER B 334 1.50 -6.57 8.37
CA SER B 334 1.01 -6.51 9.74
C SER B 334 1.12 -7.86 10.43
N GLY B 335 0.88 -8.95 9.70
CA GLY B 335 1.08 -10.28 10.26
C GLY B 335 2.55 -10.56 10.54
N THR B 336 3.44 -10.09 9.67
CA THR B 336 4.88 -10.25 9.90
C THR B 336 5.33 -9.49 11.14
N SER B 337 4.88 -8.24 11.30
CA SER B 337 5.20 -7.46 12.49
C SER B 337 4.64 -8.12 13.74
N PHE B 338 3.39 -8.60 13.68
CA PHE B 338 2.72 -9.13 14.85
C PHE B 338 3.33 -10.48 15.26
N VAL B 339 3.66 -11.33 14.28
CA VAL B 339 4.28 -12.63 14.57
C VAL B 339 5.70 -12.45 15.08
N SER B 340 6.47 -11.52 14.48
CA SER B 340 7.79 -11.22 15.01
C SER B 340 7.71 -10.61 16.41
N GLY B 341 6.62 -9.88 16.70
CA GLY B 341 6.40 -9.40 18.04
C GLY B 341 6.16 -10.53 19.04
N PHE B 342 5.37 -11.52 18.64
CA PHE B 342 5.24 -12.74 19.47
C PHE B 342 6.58 -13.39 19.72
N ALA B 343 7.40 -13.51 18.68
CA ALA B 343 8.71 -14.14 18.81
C ALA B 343 9.60 -13.39 19.78
N ILE B 344 9.79 -12.08 19.54
CA ILE B 344 10.76 -11.33 20.33
C ILE B 344 10.26 -11.10 21.75
N PHE B 345 8.95 -10.98 21.97
CA PHE B 345 8.49 -10.82 23.33
C PHE B 345 8.42 -12.13 24.08
N SER B 346 8.29 -13.26 23.39
CA SER B 346 8.49 -14.55 24.04
C SER B 346 9.94 -14.71 24.48
N ILE B 347 10.88 -14.25 23.65
CA ILE B 347 12.30 -14.28 24.05
C ILE B 347 12.55 -13.37 25.24
N LEU B 348 11.93 -12.18 25.25
CA LEU B 348 12.12 -11.27 26.38
C LEU B 348 11.47 -11.81 27.65
N GLY B 349 10.36 -12.54 27.52
CA GLY B 349 9.81 -13.23 28.66
C GLY B 349 10.75 -14.30 29.21
N PHE B 350 11.41 -15.03 28.31
CA PHE B 350 12.43 -15.99 28.75
C PHE B 350 13.60 -15.30 29.43
N MET B 351 14.02 -14.16 28.88
CA MET B 351 15.15 -13.41 29.46
C MET B 351 14.81 -12.90 30.84
N ALA B 352 13.60 -12.39 31.03
CA ALA B 352 13.19 -11.90 32.35
C ALA B 352 12.98 -13.04 33.33
N GLN B 353 12.50 -14.19 32.88
CA GLN B 353 12.36 -15.33 33.78
C GLN B 353 13.73 -15.90 34.16
N GLU B 354 14.70 -15.85 33.26
CA GLU B 354 16.03 -16.33 33.54
C GLU B 354 16.82 -15.39 34.45
N GLN B 355 16.76 -14.09 34.18
CA GLN B 355 17.54 -13.13 34.95
C GLN B 355 16.87 -12.70 36.26
N GLY B 356 15.59 -12.98 36.42
CA GLY B 356 14.89 -12.57 37.61
C GLY B 356 14.53 -11.11 37.69
N VAL B 357 14.60 -10.38 36.58
CA VAL B 357 14.21 -9.00 36.54
C VAL B 357 12.85 -8.89 35.84
N ASP B 358 12.26 -7.70 35.90
CA ASP B 358 10.97 -7.49 35.25
C ASP B 358 11.14 -7.44 33.74
N ILE B 359 10.03 -7.69 33.03
CA ILE B 359 10.07 -7.81 31.58
C ILE B 359 10.37 -6.47 30.94
N ALA B 360 9.85 -5.39 31.51
CA ALA B 360 10.06 -4.05 30.95
C ALA B 360 11.46 -3.51 31.19
N ASP B 361 12.27 -4.17 32.01
CA ASP B 361 13.63 -3.73 32.30
C ASP B 361 14.69 -4.76 31.93
N VAL B 362 14.34 -5.76 31.11
CA VAL B 362 15.28 -6.86 30.87
C VAL B 362 16.23 -6.53 29.71
N ALA B 363 15.85 -5.62 28.81
CA ALA B 363 16.68 -5.31 27.66
C ALA B 363 16.56 -3.82 27.39
N GLU B 364 17.04 -3.43 26.21
CA GLU B 364 17.11 -2.03 25.85
C GLU B 364 15.75 -1.54 25.38
N SER B 365 15.23 -0.50 26.03
CA SER B 365 14.01 0.18 25.58
C SER B 365 14.41 1.21 24.53
N GLY B 366 14.86 0.70 23.40
CA GLY B 366 15.46 1.48 22.35
C GLY B 366 15.93 0.53 21.26
N PRO B 367 16.65 1.03 20.26
CA PRO B 367 16.95 0.24 19.06
C PRO B 367 18.04 -0.81 19.24
N GLY B 368 17.96 -1.58 20.31
CA GLY B 368 18.89 -2.66 20.52
C GLY B 368 18.14 -3.93 20.81
N LEU B 369 16.80 -3.86 20.78
CA LEU B 369 15.97 -4.97 21.21
C LEU B 369 16.05 -6.14 20.24
N ALA B 370 16.08 -5.86 18.93
CA ALA B 370 16.31 -6.92 17.97
C ALA B 370 17.76 -7.38 17.97
N PHE B 371 18.67 -6.58 18.53
CA PHE B 371 20.08 -6.95 18.61
C PHE B 371 20.45 -7.43 20.01
N ILE B 372 19.48 -7.59 20.90
CA ILE B 372 19.68 -8.21 22.20
C ILE B 372 18.86 -9.49 22.34
N ALA B 373 17.55 -9.40 22.10
CA ALA B 373 16.69 -10.54 22.32
C ALA B 373 16.88 -11.62 21.27
N TYR B 374 16.93 -11.22 19.99
CA TYR B 374 17.17 -12.21 18.94
C TYR B 374 18.56 -12.87 19.02
N PRO B 375 19.68 -12.17 19.26
CA PRO B 375 20.93 -12.90 19.56
C PRO B 375 20.87 -13.75 20.81
N LYS B 376 20.11 -13.33 21.84
CA LYS B 376 19.94 -14.18 23.00
C LYS B 376 19.21 -15.47 22.67
N ALA B 377 18.18 -15.40 21.83
CA ALA B 377 17.46 -16.59 21.40
C ALA B 377 18.33 -17.49 20.54
N VAL B 378 19.20 -16.88 19.73
CA VAL B 378 20.19 -17.65 18.98
C VAL B 378 21.12 -18.39 19.92
N THR B 379 21.52 -17.75 21.03
CA THR B 379 22.40 -18.39 22.00
C THR B 379 21.73 -19.61 22.65
N MET B 380 20.46 -19.50 23.00
CA MET B 380 19.70 -20.65 23.51
C MET B 380 18.97 -21.37 22.37
N MET B 381 19.77 -21.77 21.37
CA MET B 381 19.32 -22.52 20.21
C MET B 381 20.44 -23.46 19.84
N PRO B 382 20.14 -24.68 19.39
CA PRO B 382 21.22 -25.63 19.05
C PRO B 382 22.02 -25.17 17.84
N LEU B 383 23.35 -25.32 17.94
CA LEU B 383 24.37 -24.82 17.02
C LEU B 383 24.19 -23.31 16.79
N PRO B 384 24.55 -22.48 17.78
CA PRO B 384 24.22 -21.05 17.70
C PRO B 384 25.01 -20.29 16.65
N THR B 385 26.18 -20.77 16.25
CA THR B 385 26.96 -20.11 15.20
C THR B 385 26.21 -20.12 13.88
N PHE B 386 25.68 -21.29 13.52
CA PHE B 386 24.94 -21.46 12.27
C PHE B 386 23.71 -20.58 12.23
N TRP B 387 22.94 -20.57 13.32
CA TRP B 387 21.71 -19.80 13.33
C TRP B 387 21.94 -18.30 13.47
N SER B 388 23.04 -17.88 14.10
CA SER B 388 23.37 -16.46 14.08
C SER B 388 23.79 -16.02 12.68
N ILE B 389 24.52 -16.89 11.97
CA ILE B 389 24.88 -16.59 10.57
C ILE B 389 23.64 -16.42 9.72
N LEU B 390 22.71 -17.38 9.80
CA LEU B 390 21.45 -17.25 9.04
C LEU B 390 20.58 -16.08 9.52
N PHE B 391 20.57 -15.77 10.82
CA PHE B 391 19.72 -14.69 11.27
C PHE B 391 20.25 -13.33 10.84
N PHE B 392 21.56 -13.13 10.88
CA PHE B 392 22.05 -11.82 10.50
C PHE B 392 22.21 -11.69 8.98
N ILE B 393 22.36 -12.79 8.25
CA ILE B 393 22.14 -12.76 6.81
C ILE B 393 20.67 -12.45 6.50
N MET B 394 19.75 -12.94 7.33
CA MET B 394 18.33 -12.61 7.16
C MET B 394 18.08 -11.12 7.37
N LEU B 395 18.64 -10.54 8.44
CA LEU B 395 18.50 -9.11 8.68
C LEU B 395 19.13 -8.30 7.56
N LEU B 396 20.28 -8.77 7.05
CA LEU B 396 20.91 -8.14 5.90
C LEU B 396 20.03 -8.25 4.66
N LEU B 397 19.34 -9.38 4.47
CA LEU B 397 18.49 -9.55 3.29
C LEU B 397 17.27 -8.65 3.33
N LEU B 398 16.58 -8.60 4.48
CA LEU B 398 15.43 -7.70 4.64
C LEU B 398 15.85 -6.24 4.49
N GLY B 399 16.91 -5.85 5.19
CA GLY B 399 17.36 -4.47 5.10
C GLY B 399 17.90 -4.11 3.73
N LEU B 400 18.55 -5.05 3.05
CA LEU B 400 19.09 -4.76 1.73
C LEU B 400 17.99 -4.66 0.69
N ASP B 401 16.97 -5.52 0.75
CA ASP B 401 15.83 -5.39 -0.15
C ASP B 401 15.09 -4.08 0.08
N SER B 402 14.84 -3.73 1.35
CA SER B 402 14.13 -2.49 1.64
C SER B 402 14.97 -1.28 1.28
N GLN B 403 16.28 -1.35 1.46
CA GLN B 403 17.14 -0.22 1.12
C GLN B 403 17.30 -0.09 -0.39
N PHE B 404 17.33 -1.21 -1.11
CA PHE B 404 17.32 -1.15 -2.57
C PHE B 404 16.04 -0.48 -3.06
N VAL B 405 14.91 -0.85 -2.47
CA VAL B 405 13.63 -0.26 -2.87
C VAL B 405 13.58 1.23 -2.54
N GLU B 406 14.06 1.62 -1.35
CA GLU B 406 14.02 3.03 -0.97
C GLU B 406 14.98 3.88 -1.78
N VAL B 407 16.20 3.41 -2.03
CA VAL B 407 17.15 4.19 -2.82
C VAL B 407 16.73 4.21 -4.29
N GLU B 408 16.14 3.13 -4.80
CA GLU B 408 15.59 3.14 -6.15
C GLU B 408 14.42 4.11 -6.26
N GLY B 409 13.57 4.18 -5.23
CA GLY B 409 12.49 5.14 -5.24
C GLY B 409 12.98 6.58 -5.16
N GLN B 410 14.00 6.83 -4.33
CA GLN B 410 14.57 8.16 -4.23
C GLN B 410 15.25 8.59 -5.54
N ILE B 411 15.97 7.67 -6.18
CA ILE B 411 16.65 7.98 -7.42
C ILE B 411 15.65 8.18 -8.55
N THR B 412 14.60 7.35 -8.60
CA THR B 412 13.53 7.51 -9.57
C THR B 412 12.81 8.83 -9.41
N SER B 413 12.52 9.22 -8.16
CA SER B 413 11.87 10.51 -7.90
C SER B 413 12.80 11.67 -8.25
N LEU B 414 14.10 11.53 -8.01
CA LEU B 414 15.03 12.61 -8.29
C LEU B 414 15.33 12.75 -9.77
N VAL B 415 15.23 11.68 -10.55
CA VAL B 415 15.41 11.81 -12.00
C VAL B 415 14.10 12.15 -12.71
N ASP B 416 12.95 11.87 -12.08
CA ASP B 416 11.70 12.44 -12.58
C ASP B 416 11.59 13.91 -12.24
N LEU B 417 12.24 14.33 -11.16
CA LEU B 417 12.30 15.74 -10.82
C LEU B 417 13.18 16.51 -11.79
N TYR B 418 14.34 15.95 -12.15
CA TYR B 418 15.29 16.57 -13.06
C TYR B 418 15.60 15.63 -14.21
N PRO B 419 14.73 15.51 -15.20
CA PRO B 419 15.07 14.72 -16.39
C PRO B 419 16.02 15.52 -17.29
N SER B 420 17.11 14.87 -17.69
CA SER B 420 18.18 15.36 -18.56
C SER B 420 18.99 16.51 -17.98
N PHE B 421 18.69 16.97 -16.76
CA PHE B 421 19.61 17.88 -16.07
C PHE B 421 20.86 17.13 -15.64
N LEU B 422 20.70 15.90 -15.15
CA LEU B 422 21.80 14.95 -14.99
C LEU B 422 21.61 13.90 -16.09
N ARG B 423 22.57 13.83 -17.00
CA ARG B 423 22.44 13.00 -18.19
C ARG B 423 22.46 11.52 -17.83
N LYS B 424 21.50 10.77 -18.36
CA LYS B 424 21.42 9.34 -18.10
C LYS B 424 22.58 8.63 -18.79
N GLY B 425 23.12 7.62 -18.12
CA GLY B 425 24.35 7.01 -18.60
C GLY B 425 25.56 7.50 -17.85
N TYR B 426 26.25 8.51 -18.42
CA TYR B 426 27.48 9.02 -17.83
C TYR B 426 27.25 9.66 -16.47
N ARG B 427 26.29 10.58 -16.39
CA ARG B 427 26.04 11.30 -15.14
C ARG B 427 24.96 10.66 -14.28
N ARG B 428 24.29 9.62 -14.77
CA ARG B 428 23.41 8.84 -13.91
C ARG B 428 24.22 7.95 -12.98
N GLU B 429 25.36 7.45 -13.47
CA GLU B 429 26.24 6.62 -12.65
C GLU B 429 26.91 7.45 -11.56
N ILE B 430 27.26 8.69 -11.85
CA ILE B 430 27.93 9.56 -10.89
C ILE B 430 26.99 9.91 -9.73
N PHE B 431 25.70 10.08 -10.03
CA PHE B 431 24.75 10.53 -9.02
C PHE B 431 24.49 9.48 -7.94
N ILE B 432 24.49 8.19 -8.32
CA ILE B 432 24.34 7.13 -7.32
C ILE B 432 25.53 7.10 -6.39
N ALA B 433 26.75 7.27 -6.92
CA ALA B 433 27.93 7.32 -6.08
C ALA B 433 27.95 8.55 -5.19
N ILE B 434 27.47 9.69 -5.70
CA ILE B 434 27.41 10.91 -4.91
C ILE B 434 26.40 10.76 -3.77
N LEU B 435 25.23 10.19 -4.06
CA LEU B 435 24.22 9.97 -3.02
C LEU B 435 24.68 8.98 -1.97
N CYS B 436 25.33 7.88 -2.41
CA CYS B 436 25.84 6.90 -1.46
C CYS B 436 26.98 7.47 -0.62
N SER B 437 27.85 8.29 -1.22
CA SER B 437 28.92 8.93 -0.46
C SER B 437 28.39 9.92 0.56
N ILE B 438 27.39 10.72 0.18
CA ILE B 438 26.82 11.71 1.09
C ILE B 438 26.09 11.01 2.24
N SER B 439 25.30 9.98 1.94
CA SER B 439 24.59 9.28 3.00
C SER B 439 25.53 8.41 3.84
N TYR B 440 26.69 8.02 3.30
CA TYR B 440 27.67 7.33 4.12
C TYR B 440 28.39 8.29 5.07
N LEU B 441 28.74 9.49 4.59
CA LEU B 441 29.42 10.45 5.44
C LEU B 441 28.49 11.07 6.48
N LEU B 442 27.19 11.10 6.20
CA LEU B 442 26.21 11.39 7.25
C LEU B 442 25.76 10.14 7.99
N GLY B 443 26.19 8.96 7.56
CA GLY B 443 25.98 7.75 8.33
C GLY B 443 27.09 7.41 9.28
N LEU B 444 28.25 8.06 9.13
CA LEU B 444 29.37 7.87 10.04
C LEU B 444 29.20 8.63 11.35
N THR B 445 28.19 9.48 11.47
CA THR B 445 27.87 10.13 12.73
C THR B 445 26.99 9.25 13.61
N MET B 446 26.57 8.10 13.12
CA MET B 446 25.90 7.08 13.92
C MET B 446 26.81 5.90 14.22
N VAL B 447 28.00 5.88 13.61
CA VAL B 447 29.01 4.86 13.85
C VAL B 447 29.79 5.11 15.13
N THR B 448 29.88 6.36 15.57
CA THR B 448 30.75 6.75 16.67
C THR B 448 30.27 6.18 18.01
N GLU B 449 31.02 6.48 19.07
CA GLU B 449 30.70 5.96 20.39
C GLU B 449 29.38 6.53 20.90
N GLY B 450 29.12 7.80 20.63
CA GLY B 450 27.81 8.37 20.84
C GLY B 450 26.97 8.29 19.58
N GLY B 451 26.86 7.09 19.01
CA GLY B 451 26.22 6.91 17.73
C GLY B 451 24.80 6.39 17.83
N MET B 452 24.52 5.59 18.86
CA MET B 452 23.14 5.24 19.17
C MET B 452 22.30 6.46 19.55
N TYR B 453 22.91 7.46 20.17
CA TYR B 453 22.13 8.66 20.53
C TYR B 453 21.69 9.43 19.29
N VAL B 454 22.60 9.64 18.33
CA VAL B 454 22.26 10.28 17.08
C VAL B 454 21.32 9.40 16.26
N PHE B 455 21.51 8.09 16.34
CA PHE B 455 20.63 7.16 15.61
C PHE B 455 19.22 7.18 16.16
N GLN B 456 19.07 7.23 17.49
CA GLN B 456 17.74 7.29 18.09
C GLN B 456 17.09 8.64 17.85
N LEU B 457 17.90 9.71 17.78
CA LEU B 457 17.40 11.01 17.36
C LEU B 457 16.83 10.95 15.95
N PHE B 458 17.55 10.30 15.04
CA PHE B 458 17.04 10.10 13.68
C PHE B 458 15.81 9.21 13.66
N ASP B 459 15.82 8.14 14.45
CA ASP B 459 14.74 7.17 14.42
C ASP B 459 13.46 7.70 15.05
N TYR B 460 13.56 8.70 15.93
CA TYR B 460 12.37 9.30 16.50
C TYR B 460 11.96 10.59 15.81
N TYR B 461 12.86 11.24 15.09
CA TYR B 461 12.55 12.57 14.59
C TYR B 461 12.71 12.72 13.09
N ALA B 462 13.67 12.03 12.46
CA ALA B 462 14.02 12.35 11.08
C ALA B 462 12.99 11.83 10.09
N ALA B 463 12.74 10.53 10.09
CA ALA B 463 11.84 9.94 9.10
C ALA B 463 10.71 9.14 9.72
N SER B 464 10.54 9.21 11.04
CA SER B 464 9.49 8.45 11.71
C SER B 464 8.90 9.22 12.89
N GLY B 465 8.58 10.50 12.69
CA GLY B 465 7.98 11.26 13.76
C GLY B 465 6.78 12.08 13.32
N VAL B 466 6.73 13.34 13.75
CA VAL B 466 5.70 14.26 13.28
C VAL B 466 5.80 14.57 11.79
N CYS B 467 6.94 14.26 11.15
CA CYS B 467 7.05 14.36 9.71
C CYS B 467 6.09 13.40 9.00
N LEU B 468 6.01 12.15 9.48
CA LEU B 468 5.13 11.17 8.85
C LEU B 468 3.67 11.51 9.07
N LEU B 469 3.32 11.96 10.28
CA LEU B 469 1.94 12.41 10.54
C LEU B 469 1.60 13.62 9.69
N TRP B 470 2.55 14.54 9.52
CA TRP B 470 2.35 15.73 8.70
C TRP B 470 2.10 15.36 7.24
N VAL B 471 2.93 14.47 6.69
CA VAL B 471 2.80 14.09 5.29
C VAL B 471 1.54 13.24 5.06
N ALA B 472 1.20 12.36 5.99
CA ALA B 472 -0.01 11.55 5.85
C ALA B 472 -1.27 12.40 5.94
N PHE B 473 -1.33 13.32 6.91
CA PHE B 473 -2.46 14.23 7.00
C PHE B 473 -2.57 15.10 5.78
N PHE B 474 -1.44 15.59 5.27
CA PHE B 474 -1.53 16.49 4.13
C PHE B 474 -1.85 15.75 2.83
N GLU B 475 -1.41 14.50 2.67
CA GLU B 475 -1.83 13.70 1.52
C GLU B 475 -3.34 13.44 1.55
N CYS B 476 -3.84 12.98 2.70
CA CYS B 476 -5.27 12.69 2.80
C CYS B 476 -6.12 13.95 2.69
N PHE B 477 -5.65 15.05 3.29
CA PHE B 477 -6.38 16.32 3.19
C PHE B 477 -6.40 16.86 1.77
N VAL B 478 -5.25 16.81 1.07
CA VAL B 478 -5.19 17.27 -0.31
C VAL B 478 -6.12 16.47 -1.19
N ILE B 479 -6.04 15.14 -1.13
CA ILE B 479 -6.88 14.28 -1.96
C ILE B 479 -8.36 14.52 -1.64
N ALA B 480 -8.72 14.43 -0.36
CA ALA B 480 -10.12 14.40 0.04
C ALA B 480 -10.79 15.76 -0.12
N TRP B 481 -10.13 16.83 0.30
CA TRP B 481 -10.78 18.13 0.37
C TRP B 481 -10.26 19.11 -0.67
N ILE B 482 -9.42 18.68 -1.60
CA ILE B 482 -9.06 19.53 -2.73
C ILE B 482 -9.30 18.73 -3.99
N TYR B 483 -8.75 17.52 -4.07
CA TYR B 483 -8.99 16.69 -5.24
C TYR B 483 -10.38 16.09 -5.20
N GLY B 484 -10.91 15.84 -4.00
CA GLY B 484 -12.23 15.30 -3.86
C GLY B 484 -12.21 13.80 -3.75
N VAL B 485 -12.87 13.26 -2.73
CA VAL B 485 -13.05 11.82 -2.65
C VAL B 485 -13.91 11.31 -3.79
N ASN B 486 -14.89 12.11 -4.23
CA ASN B 486 -15.73 11.71 -5.37
C ASN B 486 -14.93 11.65 -6.66
N ARG B 487 -14.13 12.69 -6.94
CA ARG B 487 -13.36 12.72 -8.17
C ARG B 487 -12.22 11.70 -8.15
N PHE B 488 -11.54 11.57 -7.01
CA PHE B 488 -10.49 10.56 -6.87
C PHE B 488 -11.05 9.15 -6.98
N SER B 489 -12.23 8.91 -6.41
CA SER B 489 -12.86 7.61 -6.51
C SER B 489 -13.37 7.34 -7.92
N GLU B 490 -13.71 8.39 -8.67
CA GLU B 490 -14.01 8.23 -10.09
C GLU B 490 -12.76 7.77 -10.85
N ASP B 491 -11.60 8.35 -10.53
CA ASP B 491 -10.34 7.89 -11.14
C ASP B 491 -10.05 6.45 -10.76
N ILE B 492 -10.29 6.09 -9.51
CA ILE B 492 -10.08 4.72 -9.02
C ILE B 492 -11.02 3.75 -9.74
N ARG B 493 -12.26 4.17 -9.97
CA ARG B 493 -13.21 3.35 -10.74
C ARG B 493 -12.72 3.15 -12.16
N ASP B 494 -12.12 4.18 -12.75
CA ASP B 494 -11.56 4.03 -14.09
C ASP B 494 -10.41 3.03 -14.11
N MET B 495 -9.56 3.07 -13.08
CA MET B 495 -8.39 2.19 -13.06
C MET B 495 -8.71 0.81 -12.49
N ILE B 496 -9.08 0.75 -11.21
CA ILE B 496 -9.33 -0.54 -10.55
C ILE B 496 -10.60 -1.19 -11.11
N GLY B 497 -11.66 -0.42 -11.25
CA GLY B 497 -12.91 -0.97 -11.66
C GLY B 497 -14.05 -0.55 -10.76
N TYR B 498 -13.77 -0.40 -9.48
CA TYR B 498 -14.79 -0.04 -8.50
C TYR B 498 -14.36 1.18 -7.71
N ARG B 499 -15.33 2.02 -7.41
CA ARG B 499 -15.13 3.08 -6.43
C ARG B 499 -14.84 2.47 -5.07
N PRO B 500 -13.84 2.96 -4.34
CA PRO B 500 -13.58 2.44 -3.01
C PRO B 500 -14.71 2.78 -2.05
N GLY B 501 -14.93 1.90 -1.08
CA GLY B 501 -16.11 1.97 -0.24
C GLY B 501 -16.04 3.08 0.79
N PRO B 502 -16.95 3.03 1.76
CA PRO B 502 -16.95 4.06 2.82
C PRO B 502 -15.74 3.99 3.73
N TRP B 503 -15.03 2.86 3.78
CA TRP B 503 -13.81 2.76 4.57
C TRP B 503 -12.72 3.68 4.01
N MET B 504 -12.35 3.48 2.75
CA MET B 504 -11.32 4.31 2.13
C MET B 504 -11.77 5.77 2.01
N LYS B 505 -13.01 5.99 1.63
CA LYS B 505 -13.53 7.35 1.42
C LYS B 505 -13.57 8.12 2.72
N TYR B 506 -14.18 7.55 3.77
CA TYR B 506 -14.25 8.22 5.05
C TYR B 506 -12.93 8.21 5.80
N SER B 507 -12.00 7.34 5.40
CA SER B 507 -10.67 7.37 6.02
C SER B 507 -9.82 8.50 5.46
N TRP B 508 -9.82 8.67 4.14
CA TRP B 508 -9.13 9.82 3.58
C TRP B 508 -9.84 11.13 3.94
N ALA B 509 -11.16 11.11 4.06
CA ALA B 509 -11.89 12.34 4.37
C ALA B 509 -11.74 12.73 5.84
N VAL B 510 -12.11 11.84 6.74
CA VAL B 510 -12.23 12.15 8.15
C VAL B 510 -11.18 11.45 8.99
N ILE B 511 -11.08 10.12 8.88
CA ILE B 511 -10.44 9.29 9.90
C ILE B 511 -8.93 9.52 9.94
N THR B 512 -8.27 9.54 8.79
CA THR B 512 -6.82 9.70 8.83
C THR B 512 -6.40 11.15 9.11
N PRO B 513 -7.05 12.19 8.55
CA PRO B 513 -6.81 13.55 9.10
C PRO B 513 -7.10 13.69 10.59
N ALA B 514 -8.20 13.11 11.08
CA ALA B 514 -8.51 13.24 12.51
C ALA B 514 -7.48 12.54 13.37
N LEU B 515 -7.05 11.34 12.97
CA LEU B 515 -6.02 10.62 13.70
C LEU B 515 -4.70 11.36 13.69
N CYS B 516 -4.28 11.88 12.53
CA CYS B 516 -2.98 12.51 12.43
C CYS B 516 -2.94 13.85 13.17
N VAL B 517 -3.96 14.70 13.01
CA VAL B 517 -3.99 15.96 13.76
C VAL B 517 -4.21 15.70 15.25
N GLY B 518 -5.02 14.70 15.62
CA GLY B 518 -5.22 14.40 17.02
C GLY B 518 -3.96 13.94 17.73
N CYS B 519 -3.21 13.03 17.10
CA CYS B 519 -1.94 12.60 17.68
C CYS B 519 -0.89 13.69 17.61
N PHE B 520 -0.91 14.52 16.55
CA PHE B 520 0.05 15.60 16.42
C PHE B 520 -0.14 16.65 17.52
N VAL B 521 -1.38 17.06 17.80
CA VAL B 521 -1.58 18.02 18.88
C VAL B 521 -1.57 17.35 20.23
N PHE B 522 -1.77 16.03 20.30
CA PHE B 522 -1.68 15.31 21.57
C PHE B 522 -0.24 15.16 22.02
N SER B 523 0.69 15.01 21.07
CA SER B 523 2.11 15.00 21.39
C SER B 523 2.69 16.40 21.54
N LEU B 524 1.84 17.43 21.54
CA LEU B 524 2.28 18.80 21.80
C LEU B 524 1.64 19.44 23.01
N VAL B 525 0.36 19.17 23.31
CA VAL B 525 -0.22 19.74 24.51
C VAL B 525 0.27 18.99 25.75
N LYS B 526 0.37 17.67 25.68
CA LYS B 526 1.00 16.87 26.72
C LYS B 526 2.38 16.43 26.24
N TYR B 527 3.32 17.38 26.23
CA TYR B 527 4.60 17.12 25.59
C TYR B 527 5.49 16.25 26.47
N VAL B 528 6.12 15.25 25.86
CA VAL B 528 7.09 14.40 26.53
C VAL B 528 8.41 14.51 25.78
N PRO B 529 9.56 14.49 26.46
CA PRO B 529 10.84 14.58 25.75
C PRO B 529 11.30 13.22 25.24
N LEU B 530 12.23 13.28 24.30
CA LEU B 530 12.84 12.06 23.78
C LEU B 530 13.86 11.55 24.79
N THR B 531 13.68 10.33 25.25
CA THR B 531 14.61 9.68 26.15
C THR B 531 15.08 8.38 25.53
N TYR B 532 16.36 8.06 25.72
CA TYR B 532 16.94 6.83 25.22
C TYR B 532 17.12 5.84 26.35
N ASN B 533 16.55 4.65 26.19
CA ASN B 533 16.64 3.54 27.14
C ASN B 533 16.12 3.90 28.53
N LYS B 534 15.15 4.84 28.57
CA LYS B 534 14.42 5.27 29.77
C LYS B 534 15.28 5.92 30.86
N VAL B 535 16.58 6.07 30.62
CA VAL B 535 17.49 6.65 31.61
C VAL B 535 18.17 7.90 31.08
N TYR B 536 18.48 7.95 29.79
CA TYR B 536 19.22 9.08 29.21
C TYR B 536 18.23 10.06 28.59
N ARG B 537 18.06 11.21 29.24
CA ARG B 537 17.31 12.29 28.64
C ARG B 537 18.17 13.00 27.60
N TYR B 538 17.52 13.55 26.60
CA TYR B 538 18.35 14.21 25.60
C TYR B 538 18.58 15.66 25.98
N PRO B 539 19.70 16.25 25.57
CA PRO B 539 19.92 17.68 25.85
C PRO B 539 19.01 18.56 25.00
N ASP B 540 19.02 19.85 25.31
CA ASP B 540 18.20 20.80 24.58
C ASP B 540 18.67 20.96 23.14
N TRP B 541 19.98 20.92 22.92
CA TRP B 541 20.49 21.06 21.57
C TRP B 541 20.23 19.81 20.73
N ALA B 542 20.19 18.63 21.34
CA ALA B 542 19.86 17.42 20.60
C ALA B 542 18.38 17.39 20.24
N ILE B 543 17.52 17.86 21.14
CA ILE B 543 16.10 17.98 20.83
C ILE B 543 15.88 19.02 19.74
N GLY B 544 16.65 20.11 19.76
CA GLY B 544 16.58 21.09 18.69
C GLY B 544 17.06 20.55 17.36
N LEU B 545 18.10 19.72 17.37
CA LEU B 545 18.59 19.09 16.15
C LEU B 545 17.57 18.08 15.61
N GLY B 546 16.94 17.31 16.49
CA GLY B 546 15.91 16.38 16.05
C GLY B 546 14.68 17.10 15.51
N TRP B 547 14.31 18.23 16.13
CA TRP B 547 13.19 19.00 15.61
C TRP B 547 13.56 19.68 14.30
N GLY B 548 14.82 20.04 14.11
CA GLY B 548 15.26 20.52 12.80
C GLY B 548 15.21 19.44 11.75
N LEU B 549 15.53 18.20 12.14
CA LEU B 549 15.39 17.05 11.24
C LEU B 549 13.95 16.81 10.86
N ALA B 550 13.04 16.94 11.82
CA ALA B 550 11.61 16.78 11.53
C ALA B 550 11.10 17.92 10.67
N LEU B 551 11.49 19.16 10.99
CA LEU B 551 11.06 20.35 10.25
C LEU B 551 11.71 20.48 8.89
N SER B 552 12.78 19.74 8.61
CA SER B 552 13.33 19.73 7.26
C SER B 552 12.42 19.01 6.27
N SER B 553 11.51 18.19 6.77
CA SER B 553 10.50 17.54 5.94
C SER B 553 9.13 18.18 6.06
N MET B 554 8.72 18.57 7.27
CA MET B 554 7.40 19.20 7.44
C MET B 554 7.35 20.57 6.77
N LEU B 555 8.44 21.32 6.78
CA LEU B 555 8.49 22.62 6.11
C LEU B 555 8.97 22.50 4.68
N CYS B 556 8.72 21.37 4.03
CA CYS B 556 8.80 21.31 2.57
C CYS B 556 7.49 21.72 1.93
N ILE B 557 6.36 21.52 2.62
CA ILE B 557 5.04 21.84 2.09
C ILE B 557 4.71 23.33 2.19
N PRO B 558 4.87 24.03 3.34
CA PRO B 558 4.62 25.48 3.30
C PRO B 558 5.65 26.25 2.51
N LEU B 559 6.89 25.74 2.41
CA LEU B 559 7.89 26.41 1.58
C LEU B 559 7.51 26.35 0.11
N VAL B 560 7.05 25.21 -0.39
CA VAL B 560 6.62 25.19 -1.79
C VAL B 560 5.29 25.89 -1.97
N ILE B 561 4.46 26.00 -0.93
CA ILE B 561 3.23 26.77 -1.07
C ILE B 561 3.55 28.25 -1.24
N VAL B 562 4.47 28.78 -0.42
CA VAL B 562 4.81 30.19 -0.59
C VAL B 562 5.68 30.42 -1.83
N ILE B 563 6.46 29.43 -2.26
CA ILE B 563 7.21 29.56 -3.52
C ILE B 563 6.26 29.59 -4.71
N LEU B 564 5.26 28.70 -4.75
CA LEU B 564 4.32 28.67 -5.86
C LEU B 564 3.39 29.88 -5.83
N LEU B 565 3.11 30.42 -4.65
CA LEU B 565 2.32 31.65 -4.60
C LEU B 565 3.13 32.87 -5.00
N CYS B 566 4.43 32.90 -4.69
CA CYS B 566 5.26 34.04 -5.07
C CYS B 566 5.61 34.02 -6.56
N ARG B 567 5.81 32.83 -7.13
CA ARG B 567 6.30 32.70 -8.50
C ARG B 567 5.17 32.85 -9.52
N THR B 568 3.92 32.81 -9.08
CA THR B 568 2.75 32.94 -9.95
C THR B 568 2.21 34.35 -9.82
N GLU B 569 1.71 34.91 -10.91
CA GLU B 569 1.21 36.27 -10.95
C GLU B 569 -0.31 36.30 -10.90
N GLY B 570 -0.85 37.25 -10.14
CA GLY B 570 -2.28 37.43 -10.04
C GLY B 570 -2.75 37.60 -8.60
N PRO B 571 -4.04 37.82 -8.41
CA PRO B 571 -4.59 37.89 -7.06
C PRO B 571 -4.58 36.52 -6.39
N LEU B 572 -4.68 36.54 -5.05
CA LEU B 572 -4.40 35.35 -4.24
C LEU B 572 -5.43 34.25 -4.45
N ARG B 573 -6.71 34.62 -4.56
CA ARG B 573 -7.76 33.61 -4.76
C ARG B 573 -7.63 32.96 -6.14
N VAL B 574 -7.37 33.78 -7.17
CA VAL B 574 -7.15 33.25 -8.51
C VAL B 574 -5.85 32.44 -8.55
N ARG B 575 -4.84 32.85 -7.79
CA ARG B 575 -3.58 32.11 -7.73
C ARG B 575 -3.78 30.72 -7.12
N ILE B 576 -4.51 30.65 -6.00
CA ILE B 576 -4.79 29.37 -5.36
C ILE B 576 -5.67 28.50 -6.25
N LYS B 577 -6.65 29.11 -6.93
CA LYS B 577 -7.50 28.38 -7.86
C LYS B 577 -6.69 27.80 -9.02
N TYR B 578 -5.74 28.57 -9.56
CA TYR B 578 -4.90 28.05 -10.63
C TYR B 578 -3.96 26.95 -10.13
N LEU B 579 -3.46 27.09 -8.90
CA LEU B 579 -2.47 26.14 -8.41
C LEU B 579 -3.10 24.85 -7.89
N ILE B 580 -4.40 24.83 -7.59
CA ILE B 580 -5.01 23.56 -7.16
C ILE B 580 -5.74 22.83 -8.28
N THR B 581 -5.86 23.42 -9.47
CA THR B 581 -6.40 22.66 -10.60
C THR B 581 -5.37 21.68 -11.12
N PRO B 582 -5.70 20.39 -11.22
CA PRO B 582 -4.74 19.41 -11.73
C PRO B 582 -4.40 19.62 -13.19
N ARG B 583 -3.19 19.23 -13.57
CA ARG B 583 -2.73 19.36 -14.94
C ARG B 583 -2.52 17.99 -15.58
N GLU C 1 -11.51 -4.30 -31.26
CA GLU C 1 -12.49 -4.79 -30.28
C GLU C 1 -12.16 -6.19 -29.79
N ASN C 2 -12.87 -6.62 -28.75
CA ASN C 2 -12.80 -7.98 -28.26
C ASN C 2 -14.04 -8.72 -28.77
N VAL C 3 -13.86 -9.53 -29.80
CA VAL C 3 -14.97 -10.24 -30.42
C VAL C 3 -15.29 -11.48 -29.58
N LEU C 4 -16.50 -11.53 -29.04
CA LEU C 4 -16.93 -12.63 -28.18
C LEU C 4 -17.85 -13.55 -28.98
N THR C 5 -17.26 -14.58 -29.56
CA THR C 5 -18.05 -15.62 -30.24
C THR C 5 -18.67 -16.53 -29.20
N GLN C 6 -19.94 -16.87 -29.42
CA GLN C 6 -20.72 -17.53 -28.39
C GLN C 6 -21.28 -18.84 -28.96
N SER C 7 -22.05 -19.55 -28.12
CA SER C 7 -22.73 -20.78 -28.49
C SER C 7 -23.77 -20.50 -29.58
N PRO C 8 -24.14 -21.52 -30.37
CA PRO C 8 -25.25 -21.35 -31.33
C PRO C 8 -26.53 -20.90 -30.64
N ALA C 9 -27.21 -19.95 -31.30
CA ALA C 9 -28.25 -19.17 -30.65
C ALA C 9 -29.49 -20.00 -30.36
N ILE C 10 -29.98 -20.74 -31.35
CA ILE C 10 -31.23 -21.47 -31.22
C ILE C 10 -30.91 -22.89 -30.76
N MET C 11 -31.21 -23.18 -29.49
CA MET C 11 -31.12 -24.53 -28.95
C MET C 11 -32.39 -24.82 -28.16
N SER C 12 -32.90 -26.03 -28.31
CA SER C 12 -34.16 -26.44 -27.69
C SER C 12 -33.85 -27.32 -26.49
N THR C 13 -34.20 -26.84 -25.31
CA THR C 13 -33.94 -27.55 -24.07
C THR C 13 -35.25 -28.02 -23.46
N SER C 14 -35.35 -29.32 -23.20
CA SER C 14 -36.49 -29.86 -22.48
C SER C 14 -36.47 -29.38 -21.03
N PRO C 15 -37.63 -29.16 -20.42
CA PRO C 15 -37.67 -28.77 -19.01
C PRO C 15 -37.09 -29.84 -18.09
N GLY C 16 -36.32 -29.41 -17.11
CA GLY C 16 -35.68 -30.33 -16.19
C GLY C 16 -34.47 -31.05 -16.73
N GLU C 17 -33.82 -30.51 -17.77
CA GLU C 17 -32.66 -31.13 -18.39
C GLU C 17 -31.45 -30.22 -18.24
N LYS C 18 -30.33 -30.80 -17.80
CA LYS C 18 -29.10 -30.04 -17.57
C LYS C 18 -28.47 -29.65 -18.91
N VAL C 19 -28.49 -28.35 -19.23
CA VAL C 19 -27.89 -27.82 -20.44
C VAL C 19 -26.90 -26.73 -20.05
N THR C 20 -26.06 -26.36 -21.02
CA THR C 20 -25.06 -25.32 -20.80
C THR C 20 -24.73 -24.64 -22.12
N MET C 21 -24.12 -23.47 -22.02
CA MET C 21 -23.68 -22.72 -23.18
C MET C 21 -22.30 -22.13 -22.88
N THR C 22 -21.57 -21.82 -23.95
CA THR C 22 -20.20 -21.35 -23.84
C THR C 22 -20.10 -19.89 -24.27
N CYS C 23 -18.91 -19.32 -24.11
CA CYS C 23 -18.63 -17.95 -24.56
C CYS C 23 -17.13 -17.84 -24.79
N ARG C 24 -16.72 -17.80 -26.05
CA ARG C 24 -15.32 -17.73 -26.42
C ARG C 24 -14.94 -16.29 -26.71
N ALA C 25 -13.97 -15.77 -25.99
CA ALA C 25 -13.48 -14.42 -26.19
C ALA C 25 -12.24 -14.44 -27.07
N SER C 26 -12.11 -13.46 -27.96
CA SER C 26 -10.94 -13.39 -28.83
C SER C 26 -9.69 -13.01 -28.06
N SER C 27 -9.81 -12.08 -27.12
CA SER C 27 -8.71 -11.69 -26.26
C SER C 27 -8.87 -12.37 -24.89
N SER C 28 -8.01 -12.00 -23.96
CA SER C 28 -8.00 -12.58 -22.63
C SER C 28 -8.75 -11.65 -21.67
N VAL C 29 -9.82 -12.15 -21.08
CA VAL C 29 -10.60 -11.42 -20.09
C VAL C 29 -10.18 -11.92 -18.71
N GLY C 30 -10.13 -11.00 -17.74
CA GLY C 30 -9.54 -11.30 -16.44
C GLY C 30 -10.34 -12.21 -15.53
N SER C 31 -11.52 -12.66 -15.97
CA SER C 31 -12.43 -13.61 -15.31
C SER C 31 -13.08 -13.07 -14.04
N SER C 32 -12.69 -11.90 -13.57
CA SER C 32 -13.52 -11.09 -12.69
C SER C 32 -14.21 -9.99 -13.46
N TYR C 33 -13.97 -9.92 -14.77
CA TYR C 33 -14.40 -8.82 -15.63
C TYR C 33 -15.29 -9.30 -16.77
N LEU C 34 -15.91 -10.47 -16.65
CA LEU C 34 -16.80 -10.98 -17.67
C LEU C 34 -18.12 -11.39 -17.03
N HIS C 35 -19.22 -10.88 -17.59
CA HIS C 35 -20.54 -11.04 -17.02
C HIS C 35 -21.49 -11.66 -18.02
N TRP C 36 -22.52 -12.33 -17.49
CA TRP C 36 -23.56 -12.95 -18.29
C TRP C 36 -24.88 -12.24 -18.05
N TYR C 37 -25.64 -12.04 -19.11
CA TYR C 37 -26.87 -11.27 -19.04
C TYR C 37 -28.02 -12.13 -19.56
N GLN C 38 -29.22 -11.86 -19.07
CA GLN C 38 -30.41 -12.56 -19.54
C GLN C 38 -31.43 -11.54 -20.03
N GLN C 39 -31.85 -11.70 -21.28
CA GLN C 39 -32.93 -10.89 -21.84
C GLN C 39 -34.11 -11.80 -22.13
N LYS C 40 -35.28 -11.45 -21.59
CA LYS C 40 -36.47 -12.26 -21.75
C LYS C 40 -37.11 -11.98 -23.10
N SER C 41 -38.34 -12.47 -23.28
CA SER C 41 -39.06 -12.33 -24.55
C SER C 41 -39.55 -10.89 -24.69
N GLY C 42 -38.78 -10.08 -25.42
CA GLY C 42 -39.18 -8.72 -25.72
C GLY C 42 -38.98 -7.72 -24.62
N ALA C 43 -38.37 -8.11 -23.50
CA ALA C 43 -38.11 -7.20 -22.41
C ALA C 43 -36.66 -6.73 -22.43
N SER C 44 -36.29 -5.94 -21.44
CA SER C 44 -34.93 -5.46 -21.34
C SER C 44 -34.03 -6.55 -20.77
N PRO C 45 -32.75 -6.55 -21.13
CA PRO C 45 -31.80 -7.47 -20.47
C PRO C 45 -31.59 -7.08 -19.02
N LYS C 46 -31.21 -8.07 -18.22
CA LYS C 46 -30.83 -7.85 -16.84
C LYS C 46 -29.57 -8.65 -16.55
N LEU C 47 -28.79 -8.18 -15.59
CA LEU C 47 -27.57 -8.88 -15.21
C LEU C 47 -27.93 -10.19 -14.53
N TRP C 48 -27.29 -11.27 -14.94
CA TRP C 48 -27.57 -12.60 -14.42
C TRP C 48 -26.39 -13.17 -13.65
N ILE C 49 -25.23 -13.26 -14.28
CA ILE C 49 -24.01 -13.76 -13.66
C ILE C 49 -22.95 -12.69 -13.85
N TYR C 50 -22.31 -12.27 -12.76
CA TYR C 50 -21.24 -11.30 -12.83
C TYR C 50 -19.94 -11.93 -12.35
N SER C 51 -18.83 -11.55 -13.01
CA SER C 51 -17.49 -12.09 -12.79
C SER C 51 -17.45 -13.60 -12.98
N THR C 52 -18.27 -14.09 -13.93
CA THR C 52 -18.40 -15.43 -14.51
C THR C 52 -18.57 -16.56 -13.49
N SER C 53 -18.79 -16.25 -12.22
CA SER C 53 -19.03 -17.30 -11.25
C SER C 53 -20.19 -16.96 -10.32
N ASN C 54 -20.42 -15.67 -10.10
CA ASN C 54 -21.38 -15.25 -9.09
C ASN C 54 -22.78 -15.22 -9.66
N LEU C 55 -23.74 -14.78 -8.85
CA LEU C 55 -25.14 -14.66 -9.26
C LEU C 55 -25.67 -13.31 -8.82
N ALA C 56 -26.49 -12.70 -9.67
CA ALA C 56 -27.10 -11.43 -9.33
C ALA C 56 -28.33 -11.65 -8.45
N SER C 57 -28.97 -10.55 -8.06
CA SER C 57 -30.15 -10.63 -7.21
C SER C 57 -31.33 -11.19 -7.98
N GLY C 58 -32.03 -12.15 -7.37
CA GLY C 58 -33.15 -12.81 -8.01
C GLY C 58 -32.78 -13.92 -8.96
N VAL C 59 -31.49 -14.20 -9.12
CA VAL C 59 -31.05 -15.27 -10.03
C VAL C 59 -31.12 -16.60 -9.27
N PRO C 60 -31.78 -17.62 -9.84
CA PRO C 60 -31.85 -18.91 -9.16
C PRO C 60 -30.50 -19.59 -9.07
N ALA C 61 -30.36 -20.45 -8.05
CA ALA C 61 -29.11 -21.16 -7.79
C ALA C 61 -28.83 -22.26 -8.81
N ARG C 62 -29.79 -22.56 -9.69
CA ARG C 62 -29.55 -23.50 -10.78
C ARG C 62 -28.53 -22.97 -11.79
N PHE C 63 -28.35 -21.65 -11.85
CA PHE C 63 -27.40 -21.05 -12.77
C PHE C 63 -26.00 -21.04 -12.14
N SER C 64 -25.00 -21.34 -12.95
CA SER C 64 -23.61 -21.28 -12.51
C SER C 64 -22.73 -21.02 -13.71
N GLY C 65 -21.52 -20.51 -13.44
CA GLY C 65 -20.58 -20.23 -14.48
C GLY C 65 -19.21 -20.81 -14.15
N SER C 66 -18.39 -20.94 -15.18
CA SER C 66 -17.04 -21.47 -15.03
C SER C 66 -16.16 -20.87 -16.12
N GLY C 67 -14.93 -21.36 -16.21
CA GLY C 67 -14.01 -20.91 -17.23
C GLY C 67 -13.29 -19.63 -16.83
N SER C 68 -12.16 -19.41 -17.49
CA SER C 68 -11.32 -18.25 -17.20
C SER C 68 -10.47 -17.93 -18.41
N GLY C 69 -10.13 -16.65 -18.55
CA GLY C 69 -9.21 -16.21 -19.57
C GLY C 69 -9.82 -16.05 -20.95
N THR C 70 -10.07 -17.17 -21.63
CA THR C 70 -10.59 -17.15 -22.99
C THR C 70 -11.95 -17.81 -23.10
N SER C 71 -12.10 -19.04 -22.62
CA SER C 71 -13.36 -19.77 -22.72
C SER C 71 -14.14 -19.59 -21.43
N TYR C 72 -15.40 -19.15 -21.55
CA TYR C 72 -16.28 -18.94 -20.42
C TYR C 72 -17.59 -19.65 -20.70
N SER C 73 -18.25 -20.11 -19.63
CA SER C 73 -19.44 -20.93 -19.80
C SER C 73 -20.50 -20.52 -18.77
N LEU C 74 -21.75 -20.84 -19.10
CA LEU C 74 -22.87 -20.74 -18.17
C LEU C 74 -23.52 -22.12 -18.10
N THR C 75 -23.75 -22.61 -16.88
CA THR C 75 -24.26 -23.95 -16.65
C THR C 75 -25.57 -23.86 -15.89
N ILE C 76 -26.60 -24.54 -16.41
CA ILE C 76 -27.91 -24.62 -15.76
C ILE C 76 -28.12 -26.06 -15.32
N SER C 77 -28.41 -26.24 -14.02
CA SER C 77 -28.56 -27.59 -13.48
C SER C 77 -29.86 -28.25 -13.95
N SER C 78 -30.96 -27.51 -13.94
CA SER C 78 -32.24 -28.05 -14.37
C SER C 78 -33.09 -26.90 -14.89
N VAL C 79 -33.44 -26.95 -16.16
CA VAL C 79 -34.17 -25.87 -16.81
C VAL C 79 -35.65 -25.96 -16.44
N GLU C 80 -36.21 -24.86 -15.94
CA GLU C 80 -37.64 -24.76 -15.66
C GLU C 80 -38.30 -23.90 -16.73
N ALA C 81 -39.62 -23.70 -16.56
CA ALA C 81 -40.42 -23.00 -17.57
C ALA C 81 -40.11 -21.52 -17.66
N GLU C 82 -39.46 -20.94 -16.64
CA GLU C 82 -39.10 -19.53 -16.64
C GLU C 82 -37.70 -19.28 -17.20
N ASP C 83 -37.25 -20.13 -18.13
CA ASP C 83 -35.92 -20.02 -18.68
C ASP C 83 -35.90 -19.75 -20.18
N ALA C 84 -37.06 -19.56 -20.80
CA ALA C 84 -37.14 -19.27 -22.24
C ALA C 84 -36.69 -17.84 -22.46
N ALA C 85 -35.40 -17.64 -22.65
CA ALA C 85 -34.83 -16.30 -22.75
C ALA C 85 -33.57 -16.37 -23.62
N THR C 86 -32.97 -15.20 -23.81
CA THR C 86 -31.76 -15.08 -24.63
C THR C 86 -30.64 -14.58 -23.74
N TYR C 87 -29.48 -15.25 -23.81
CA TYR C 87 -28.38 -15.02 -22.90
C TYR C 87 -27.19 -14.42 -23.63
N TYR C 88 -26.63 -13.35 -23.06
CA TYR C 88 -25.45 -12.67 -23.62
C TYR C 88 -24.35 -12.66 -22.58
N CYS C 89 -23.21 -13.23 -22.91
CA CYS C 89 -22.00 -13.01 -22.14
C CYS C 89 -21.42 -11.66 -22.50
N GLN C 90 -20.69 -11.05 -21.57
CA GLN C 90 -20.19 -9.71 -21.79
C GLN C 90 -18.90 -9.52 -21.00
N GLN C 91 -17.78 -9.38 -21.70
CA GLN C 91 -16.55 -8.94 -21.07
C GLN C 91 -16.70 -7.48 -20.65
N PHE C 92 -15.97 -7.09 -19.62
CA PHE C 92 -16.07 -5.72 -19.16
C PHE C 92 -14.68 -5.09 -19.05
N SER C 93 -13.64 -5.79 -19.54
CA SER C 93 -12.27 -5.35 -19.31
C SER C 93 -11.85 -4.25 -20.27
N GLY C 94 -11.84 -4.54 -21.56
CA GLY C 94 -11.40 -3.56 -22.53
C GLY C 94 -12.41 -2.44 -22.71
N TYR C 95 -11.92 -1.21 -22.78
CA TYR C 95 -12.72 0.00 -22.91
C TYR C 95 -13.67 0.03 -24.13
N PRO C 96 -13.42 -0.74 -25.23
CA PRO C 96 -14.57 -1.09 -26.08
C PRO C 96 -15.32 -2.31 -25.54
N LEU C 97 -16.28 -2.07 -24.63
CA LEU C 97 -17.05 -3.15 -24.03
C LEU C 97 -17.88 -3.85 -25.09
N THR C 98 -17.81 -5.18 -25.13
CA THR C 98 -18.50 -5.95 -26.15
C THR C 98 -19.34 -7.04 -25.51
N PHE C 99 -20.60 -7.11 -25.93
CA PHE C 99 -21.46 -8.23 -25.59
C PHE C 99 -21.27 -9.36 -26.59
N GLY C 100 -21.64 -10.56 -26.17
CA GLY C 100 -21.62 -11.70 -27.06
C GLY C 100 -22.82 -11.71 -27.99
N SER C 101 -22.91 -12.79 -28.76
CA SER C 101 -24.07 -13.00 -29.60
C SER C 101 -25.24 -13.52 -28.76
N GLY C 102 -26.35 -13.80 -29.42
CA GLY C 102 -27.49 -14.34 -28.72
C GLY C 102 -27.37 -15.83 -28.46
N THR C 103 -28.08 -16.29 -27.42
CA THR C 103 -28.34 -17.71 -27.20
C THR C 103 -29.80 -17.83 -26.80
N LYS C 104 -30.67 -18.00 -27.79
CA LYS C 104 -32.11 -18.07 -27.53
C LYS C 104 -32.43 -19.47 -27.04
N LEU C 105 -32.33 -19.66 -25.73
CA LEU C 105 -32.64 -20.94 -25.11
C LEU C 105 -34.16 -21.08 -25.09
N GLU C 106 -34.70 -21.85 -26.03
CA GLU C 106 -36.13 -22.04 -26.18
C GLU C 106 -36.52 -23.43 -25.68
N MET C 107 -37.80 -23.76 -25.87
CA MET C 107 -38.35 -25.01 -25.36
C MET C 107 -38.61 -25.98 -26.51
N LYS C 108 -39.18 -27.14 -26.17
CA LYS C 108 -39.55 -28.13 -27.17
C LYS C 108 -41.06 -28.26 -27.27
CL CL D . 3.93 -2.87 11.19
O1 IZC E . 9.76 -1.30 7.30
O2 IZC E . 11.77 -2.16 7.27
N1 IZC E . 11.36 2.03 4.14
N3 IZC E . 10.14 0.98 5.58
C2 IZC E . 10.44 2.18 5.08
C4 IZC E . 10.88 0.10 4.95
C5 IZC E . 11.65 0.75 4.05
C6 IZC E . 10.87 -1.40 5.19
C7 IZC E . 10.80 -1.64 6.68
NA NA F . 8.03 -3.12 7.63
NA NA G . 12.28 -7.52 2.34
#